data_5ZH5
#
_entry.id   5ZH5
#
_cell.length_a   54.500
_cell.length_b   130.360
_cell.length_c   174.690
_cell.angle_alpha   90.00
_cell.angle_beta   90.00
_cell.angle_gamma   90.00
#
_symmetry.space_group_name_H-M   'P 21 21 21'
#
loop_
_entity.id
_entity.type
_entity.pdbx_description
1 polymer 'Lysine--tRNA ligase'
2 non-polymer LYSINE
3 non-polymer (3S)-6,8-dihydroxy-3-{[(2R,6S)-6-methyloxan-2-yl]methyl}-3,4-dihydro-1H-2-benzopyran-1-one
4 non-polymer 'CHLORIDE ION'
#
_entity_poly.entity_id   1
_entity_poly.type   'polypeptide(L)'
_entity_poly.pdbx_seq_one_letter_code
;EVDPRLYFENRSKFIQDQKDKGINPYPHKFERTISIPEFIEKYKDLGNGEHLEDTILNITGRIMRVSASGQKLRFFDLVG
DGEKIQVLANYSFHNHEKGNFAECYDKIRRGDIVGIVGFPGKSKKGELSIFPKETILLSACLHMLPMKYGLKDTEIRYRQ
RYLDLLINESSRHTFVTRTKIINFLRNFLNERGFFEVETPMMNLIAGGANARPFITHHNDLDLDLYLRIATELPLKMLIV
GGIDKVYEIGKVFRNEGIDNTHNPEFTSCEFYWAYADYNDLIKWSEDFFSQLVYHLFGTYKISYNKDGPENQPIEIDFTP
PYPKVSIVEEIEKVTNTILEQPFDSNETIEKMINIIKEHKIELPNPPTAAKLLDQLASHFIENKYNDKPFFIVEHPQIMS
PLAKYHRTKPGLTERLEMFICGKEVLNAYTELNDPFKQKECFKLQQKDREKGDTEAAQLDSAFCTSLEYGLPPTGGLGLG
IDRITMFLTNKNSIKDVILFPTMRPAN
;
_entity_poly.pdbx_strand_id   A,B
#
loop_
_chem_comp.id
_chem_comp.type
_chem_comp.name
_chem_comp.formula
9CX non-polymer (3S)-6,8-dihydroxy-3-{[(2R,6S)-6-methyloxan-2-yl]methyl}-3,4-dihydro-1H-2-benzopyran-1-one 'C16 H20 O5'
CL non-polymer 'CHLORIDE ION' 'Cl -1'
#
# COMPACT_ATOMS: atom_id res chain seq x y z
N GLU A 1 38.82 4.40 -25.90
CA GLU A 1 37.40 4.16 -26.14
C GLU A 1 37.09 2.74 -26.58
N VAL A 2 35.81 2.47 -26.77
CA VAL A 2 35.34 1.16 -27.21
C VAL A 2 35.79 -0.07 -26.39
N ASP A 3 35.62 -0.04 -25.07
CA ASP A 3 36.02 -1.19 -24.27
C ASP A 3 35.22 -2.39 -24.72
N PRO A 4 35.90 -3.53 -24.85
CA PRO A 4 35.27 -4.76 -25.35
C PRO A 4 34.48 -5.56 -24.36
N ARG A 5 33.70 -4.91 -23.54
CA ARG A 5 32.92 -5.65 -22.53
C ARG A 5 33.75 -6.69 -21.74
N LEU A 6 35.00 -6.32 -21.54
CA LEU A 6 36.00 -7.02 -20.74
C LEU A 6 36.31 -6.18 -19.48
N TYR A 7 35.53 -5.11 -19.26
CA TYR A 7 35.59 -4.24 -18.12
C TYR A 7 35.28 -5.15 -16.97
N PHE A 8 34.20 -5.92 -17.07
CA PHE A 8 33.83 -6.88 -16.07
C PHE A 8 34.99 -7.80 -15.76
N GLU A 9 35.60 -8.35 -16.79
CA GLU A 9 36.74 -9.20 -16.62
C GLU A 9 37.81 -8.48 -15.85
N ASN A 10 38.15 -7.27 -16.28
CA ASN A 10 39.19 -6.51 -15.62
C ASN A 10 38.82 -5.72 -14.38
N ARG A 11 37.64 -5.99 -13.86
CA ARG A 11 37.22 -5.36 -12.63
C ARG A 11 37.06 -6.49 -11.64
N SER A 12 36.41 -7.56 -12.07
CA SER A 12 36.22 -8.70 -11.21
C SER A 12 37.57 -9.17 -10.73
N LYS A 13 38.57 -9.05 -11.60
CA LYS A 13 39.92 -9.39 -11.25
C LYS A 13 40.39 -8.37 -10.24
N PHE A 14 40.31 -7.11 -10.63
CA PHE A 14 40.74 -6.00 -9.78
C PHE A 14 40.17 -6.11 -8.37
N ILE A 15 38.92 -6.54 -8.24
CA ILE A 15 38.37 -6.81 -6.91
C ILE A 15 39.18 -7.91 -6.19
N GLN A 16 39.33 -9.09 -6.80
CA GLN A 16 40.00 -10.21 -6.16
C GLN A 16 41.43 -9.83 -5.75
N ASP A 17 42.09 -9.08 -6.64
CA ASP A 17 43.44 -8.58 -6.38
C ASP A 17 43.47 -7.68 -5.14
N GLN A 18 42.41 -6.90 -4.96
CA GLN A 18 42.30 -6.02 -3.80
C GLN A 18 42.17 -6.82 -2.50
N LYS A 19 41.35 -7.87 -2.55
CA LYS A 19 41.27 -8.87 -1.46
C LYS A 19 42.60 -9.54 -1.19
N ASP A 20 43.33 -9.85 -2.25
CA ASP A 20 44.62 -10.51 -2.06
C ASP A 20 45.62 -9.63 -1.34
N LYS A 21 45.55 -8.31 -1.59
CA LYS A 21 46.48 -7.33 -1.01
C LYS A 21 46.06 -6.93 0.42
N GLY A 22 45.03 -7.57 0.98
CA GLY A 22 44.58 -7.31 2.34
C GLY A 22 43.48 -6.26 2.42
N ILE A 23 43.16 -5.68 1.27
CA ILE A 23 42.21 -4.58 1.19
C ILE A 23 40.79 -5.13 1.04
N ASN A 24 39.80 -4.37 1.55
CA ASN A 24 38.41 -4.75 1.44
C ASN A 24 37.71 -3.71 0.59
N PRO A 25 37.28 -4.10 -0.62
CA PRO A 25 36.72 -3.17 -1.58
C PRO A 25 35.22 -3.09 -1.45
N TYR A 26 34.68 -3.62 -0.36
CA TYR A 26 33.24 -3.54 -0.09
C TYR A 26 33.02 -3.28 1.43
N PRO A 27 33.71 -2.28 2.00
CA PRO A 27 33.76 -2.11 3.46
C PRO A 27 32.40 -1.95 4.08
N HIS A 28 32.27 -2.36 5.35
CA HIS A 28 30.99 -2.41 6.01
C HIS A 28 30.28 -1.02 6.26
N LYS A 29 30.97 -0.05 6.87
CA LYS A 29 30.35 1.26 7.21
C LYS A 29 31.20 2.47 6.86
N PHE A 30 30.52 3.52 6.46
CA PHE A 30 31.14 4.81 6.26
C PHE A 30 30.30 5.95 6.91
N GLU A 31 30.86 6.55 7.96
CA GLU A 31 30.07 7.41 8.83
C GLU A 31 30.04 8.77 8.14
N ARG A 32 28.98 9.06 7.43
CA ARG A 32 28.92 10.31 6.68
C ARG A 32 28.28 11.47 7.47
N THR A 33 28.75 12.70 7.24
CA THR A 33 28.19 13.84 7.94
C THR A 33 27.17 14.62 7.10
N ILE A 34 26.91 14.20 5.86
CA ILE A 34 26.05 15.01 5.00
C ILE A 34 25.65 14.41 3.63
N SER A 35 24.38 14.57 3.27
CA SER A 35 23.90 14.14 1.98
C SER A 35 24.23 15.18 0.95
N ILE A 36 24.34 14.76 -0.31
CA ILE A 36 24.68 15.68 -1.39
C ILE A 36 23.71 16.86 -1.38
N PRO A 37 22.40 16.61 -1.51
CA PRO A 37 21.43 17.75 -1.55
C PRO A 37 21.53 18.69 -0.37
N GLU A 38 22.00 18.20 0.79
CA GLU A 38 22.27 19.09 1.94
C GLU A 38 23.53 19.89 1.69
N PHE A 39 24.50 19.23 1.06
CA PHE A 39 25.81 19.84 0.75
C PHE A 39 25.58 21.05 -0.12
N ILE A 40 24.81 20.84 -1.17
CA ILE A 40 24.52 21.86 -2.11
C ILE A 40 23.85 22.98 -1.35
N GLU A 41 22.95 22.62 -0.45
CA GLU A 41 22.08 23.60 0.21
C GLU A 41 22.80 24.49 1.19
N LYS A 42 23.86 23.99 1.79
CA LYS A 42 24.58 24.70 2.81
C LYS A 42 25.88 25.25 2.28
N TYR A 43 26.18 25.08 0.99
CA TYR A 43 27.40 25.65 0.38
C TYR A 43 27.16 26.24 -1.04
N LYS A 44 25.87 26.35 -1.42
CA LYS A 44 25.45 26.98 -2.68
C LYS A 44 25.98 28.36 -2.79
N ASP A 45 26.22 28.99 -1.63
CA ASP A 45 26.49 30.42 -1.58
C ASP A 45 27.93 30.79 -1.24
N LEU A 46 28.88 30.00 -1.72
CA LEU A 46 30.29 30.35 -1.60
C LEU A 46 30.77 31.14 -2.81
N GLY A 47 31.79 31.95 -2.61
CA GLY A 47 32.36 32.72 -3.69
C GLY A 47 33.28 31.84 -4.47
N ASN A 48 33.28 32.03 -5.79
CA ASN A 48 34.19 31.31 -6.68
C ASN A 48 35.62 31.31 -6.14
N GLY A 49 36.16 30.13 -5.93
CA GLY A 49 37.52 30.00 -5.45
C GLY A 49 37.64 30.01 -3.94
N GLU A 50 36.52 30.13 -3.23
CA GLU A 50 36.57 30.15 -1.78
C GLU A 50 36.59 28.71 -1.24
N HIS A 51 37.60 28.40 -0.43
CA HIS A 51 37.66 27.11 0.28
C HIS A 51 37.32 27.35 1.75
N LEU A 52 36.66 26.36 2.36
CA LEU A 52 36.44 26.35 3.80
C LEU A 52 37.33 25.29 4.42
N GLU A 53 38.63 25.49 4.31
CA GLU A 53 39.55 24.42 4.61
C GLU A 53 39.47 23.92 6.05
N ASP A 54 38.92 24.70 6.99
CA ASP A 54 38.83 24.24 8.38
C ASP A 54 37.59 23.42 8.64
N THR A 55 36.83 23.10 7.58
CA THR A 55 35.64 22.22 7.64
C THR A 55 35.92 20.89 7.01
N ILE A 56 36.06 19.85 7.82
CA ILE A 56 36.32 18.51 7.32
C ILE A 56 34.99 17.77 7.29
N LEU A 57 34.57 17.34 6.10
CA LEU A 57 33.28 16.64 5.92
C LEU A 57 33.44 15.26 5.32
N ASN A 58 32.54 14.33 5.69
CA ASN A 58 32.44 13.00 5.10
C ASN A 58 31.23 12.83 4.24
N ILE A 59 31.44 12.65 2.94
CA ILE A 59 30.32 12.55 2.01
C ILE A 59 30.38 11.25 1.16
N THR A 60 29.22 10.83 0.61
CA THR A 60 29.16 9.68 -0.31
C THR A 60 28.34 9.89 -1.57
N GLY A 61 28.81 9.34 -2.69
CA GLY A 61 28.00 9.25 -3.90
C GLY A 61 28.51 8.23 -4.93
N ARG A 62 27.98 8.33 -6.15
CA ARG A 62 28.37 7.46 -7.22
C ARG A 62 29.13 8.26 -8.20
N ILE A 63 30.29 7.76 -8.60
CA ILE A 63 31.07 8.46 -9.59
C ILE A 63 30.34 8.33 -10.89
N MET A 64 30.32 9.36 -11.71
CA MET A 64 29.65 9.30 -13.02
C MET A 64 30.45 9.89 -14.18
N ARG A 65 31.56 10.58 -13.91
CA ARG A 65 32.41 11.13 -14.96
C ARG A 65 33.78 11.22 -14.37
N VAL A 66 34.71 10.45 -14.90
CA VAL A 66 36.04 10.52 -14.42
C VAL A 66 36.77 11.37 -15.43
N SER A 67 36.95 12.64 -15.13
CA SER A 67 37.76 13.52 -15.96
C SER A 67 39.14 13.54 -15.31
N ALA A 68 40.19 13.88 -16.05
CA ALA A 68 41.54 13.71 -15.49
C ALA A 68 42.45 14.94 -15.40
N SER A 69 42.43 15.86 -16.37
CA SER A 69 43.34 17.05 -16.37
C SER A 69 44.84 16.72 -16.29
N GLY A 70 45.55 17.21 -15.29
CA GLY A 70 46.96 16.84 -15.13
C GLY A 70 47.13 15.42 -14.60
N GLN A 71 48.34 15.07 -14.20
CA GLN A 71 48.58 13.79 -13.54
C GLN A 71 48.33 13.88 -12.04
N LYS A 72 48.76 15.00 -11.47
CA LYS A 72 48.67 15.27 -10.03
C LYS A 72 47.42 16.13 -9.70
N LEU A 73 46.34 15.96 -10.48
CA LEU A 73 45.07 16.68 -10.27
C LEU A 73 43.90 16.08 -11.08
N ARG A 74 42.87 15.54 -10.44
CA ARG A 74 41.86 14.71 -11.12
C ARG A 74 40.43 15.04 -10.70
N PHE A 75 39.50 15.05 -11.66
CA PHE A 75 38.11 15.47 -11.45
C PHE A 75 37.15 14.30 -11.39
N PHE A 76 35.95 14.56 -10.89
CA PHE A 76 34.92 13.55 -10.86
C PHE A 76 33.60 14.18 -10.69
N ASP A 77 32.58 13.64 -11.35
CA ASP A 77 31.21 14.04 -11.09
C ASP A 77 30.59 13.08 -10.13
N LEU A 78 30.08 13.60 -9.02
CA LEU A 78 29.62 12.75 -7.94
C LEU A 78 28.15 12.97 -7.76
N VAL A 79 27.34 11.91 -7.71
CA VAL A 79 25.90 12.08 -7.57
C VAL A 79 25.21 11.27 -6.49
N GLY A 80 24.19 11.87 -5.93
CA GLY A 80 23.42 11.31 -4.85
C GLY A 80 22.04 11.97 -4.77
N ASP A 81 21.01 11.12 -4.69
CA ASP A 81 19.65 11.60 -4.51
C ASP A 81 19.25 12.59 -5.59
N GLY A 82 19.65 12.32 -6.81
CA GLY A 82 19.21 13.07 -7.94
C GLY A 82 20.06 14.29 -8.21
N GLU A 83 21.13 14.49 -7.46
CA GLU A 83 21.95 15.68 -7.67
C GLU A 83 23.42 15.40 -7.82
N LYS A 84 24.16 16.37 -8.32
CA LYS A 84 25.58 16.22 -8.63
C LYS A 84 26.38 17.34 -7.99
N ILE A 85 27.62 17.02 -7.64
CA ILE A 85 28.63 18.01 -7.35
C ILE A 85 29.91 17.55 -7.97
N GLN A 86 30.89 18.44 -8.01
CA GLN A 86 32.17 18.15 -8.63
C GLN A 86 33.07 17.62 -7.52
N VAL A 87 34.10 16.86 -7.89
CA VAL A 87 35.16 16.53 -6.96
C VAL A 87 36.42 17.02 -7.63
N LEU A 88 37.29 17.69 -6.87
CA LEU A 88 38.63 18.15 -7.32
C LEU A 88 39.67 17.52 -6.39
N ALA A 89 40.43 16.58 -6.92
CA ALA A 89 41.30 15.78 -6.10
C ALA A 89 42.68 16.22 -6.35
N ASN A 90 43.31 16.80 -5.35
CA ASN A 90 44.59 17.42 -5.62
C ASN A 90 45.69 16.70 -4.89
N TYR A 91 46.74 16.37 -5.61
CA TYR A 91 47.84 15.64 -5.04
C TYR A 91 48.31 16.42 -3.84
N SER A 92 48.26 17.73 -3.92
CA SER A 92 48.75 18.59 -2.84
C SER A 92 47.96 18.46 -1.53
N PHE A 93 46.65 18.29 -1.60
CA PHE A 93 45.79 18.27 -0.40
C PHE A 93 45.61 16.85 0.09
N HIS A 94 46.08 15.90 -0.70
CA HIS A 94 45.88 14.47 -0.41
C HIS A 94 46.68 13.95 0.77
N ASN A 95 45.98 13.30 1.70
CA ASN A 95 46.61 12.75 2.87
C ASN A 95 47.40 11.53 2.51
N HIS A 96 48.70 11.73 2.38
CA HIS A 96 49.64 10.72 1.98
C HIS A 96 49.82 9.55 2.86
N GLU A 97 49.70 9.74 4.15
CA GLU A 97 49.92 8.62 5.04
C GLU A 97 48.95 7.50 4.78
N LYS A 98 47.70 7.82 4.57
CA LYS A 98 46.78 6.75 4.29
C LYS A 98 47.18 6.00 3.03
N GLY A 99 47.49 6.72 1.96
CA GLY A 99 47.88 6.05 0.72
C GLY A 99 48.49 6.84 -0.42
N ASN A 100 49.17 6.15 -1.33
CA ASN A 100 49.73 6.83 -2.48
C ASN A 100 48.58 7.35 -3.31
N PHE A 101 48.65 8.63 -3.65
CA PHE A 101 47.61 9.35 -4.38
C PHE A 101 47.30 8.71 -5.72
N ALA A 102 48.30 8.57 -6.57
CA ALA A 102 48.05 8.04 -7.92
C ALA A 102 47.33 6.68 -7.88
N GLU A 103 47.76 5.83 -6.97
CA GLU A 103 47.27 4.48 -6.89
C GLU A 103 45.99 4.36 -6.08
N CYS A 104 45.62 5.43 -5.39
CA CYS A 104 44.29 5.52 -4.75
C CYS A 104 43.22 6.08 -5.67
N TYR A 105 43.60 6.69 -6.81
CA TYR A 105 42.66 7.27 -7.77
C TYR A 105 42.70 6.65 -9.16
N ASP A 106 43.87 6.14 -9.56
CA ASP A 106 43.94 5.27 -10.75
C ASP A 106 42.91 4.11 -10.64
N LYS A 107 42.58 3.68 -9.43
CA LYS A 107 41.55 2.68 -9.21
C LYS A 107 40.14 3.11 -9.62
N ILE A 108 39.74 4.37 -9.40
CA ILE A 108 38.33 4.78 -9.50
C ILE A 108 37.78 4.92 -10.92
N ARG A 109 36.79 4.09 -11.23
CA ARG A 109 36.14 4.08 -12.54
C ARG A 109 34.77 4.70 -12.43
N ARG A 110 34.12 4.91 -13.56
CA ARG A 110 32.79 5.48 -13.60
C ARG A 110 31.80 4.44 -13.08
N GLY A 111 30.87 4.88 -12.28
CA GLY A 111 29.90 3.98 -11.70
C GLY A 111 30.25 3.71 -10.25
N ASP A 112 31.52 3.79 -9.91
CA ASP A 112 31.90 3.39 -8.58
C ASP A 112 31.29 4.26 -7.56
N ILE A 113 30.98 3.64 -6.42
CA ILE A 113 30.46 4.33 -5.29
C ILE A 113 31.62 4.63 -4.40
N VAL A 114 31.77 5.87 -3.95
CA VAL A 114 32.88 6.24 -3.09
C VAL A 114 32.45 6.97 -1.87
N GLY A 115 33.39 7.06 -0.94
CA GLY A 115 33.19 7.75 0.30
C GLY A 115 34.34 8.70 0.43
N ILE A 116 34.06 10.00 0.47
CA ILE A 116 35.09 11.01 0.49
C ILE A 116 35.19 11.74 1.81
N VAL A 117 36.42 12.07 2.20
CA VAL A 117 36.67 12.92 3.35
C VAL A 117 37.31 14.22 2.90
N GLY A 118 36.54 15.29 2.88
CA GLY A 118 37.02 16.53 2.24
C GLY A 118 36.56 17.84 2.83
N PHE A 119 36.97 18.94 2.20
CA PHE A 119 36.45 20.24 2.53
C PHE A 119 35.71 20.88 1.35
N PRO A 120 34.69 21.65 1.65
CA PRO A 120 33.81 22.15 0.62
C PRO A 120 34.36 23.43 0.08
N GLY A 121 34.09 23.69 -1.19
CA GLY A 121 34.55 24.94 -1.81
C GLY A 121 34.15 25.08 -3.26
N LYS A 122 34.58 26.19 -3.85
CA LYS A 122 34.33 26.46 -5.27
C LYS A 122 35.62 26.56 -6.08
N SER A 123 35.52 26.09 -7.31
CA SER A 123 36.62 26.23 -8.26
C SER A 123 36.74 27.68 -8.71
N LYS A 124 37.93 28.07 -9.19
CA LYS A 124 38.08 29.39 -9.82
C LYS A 124 36.83 29.69 -10.68
N LYS A 125 36.44 28.73 -11.53
CA LYS A 125 35.31 28.91 -12.45
C LYS A 125 33.97 28.98 -11.77
N GLY A 126 33.89 28.75 -10.47
CA GLY A 126 32.60 28.80 -9.74
C GLY A 126 31.77 27.51 -9.61
N GLU A 127 32.37 26.35 -9.92
CA GLU A 127 31.71 25.02 -9.79
C GLU A 127 31.87 24.56 -8.32
N LEU A 128 30.75 24.25 -7.69
CA LEU A 128 30.75 23.83 -6.28
C LEU A 128 31.25 22.35 -6.14
N SER A 129 32.31 22.17 -5.33
CA SER A 129 33.03 20.91 -5.25
C SER A 129 33.45 20.53 -3.85
N ILE A 130 33.81 19.26 -3.70
CA ILE A 130 34.35 18.69 -2.45
C ILE A 130 35.80 18.50 -2.76
N PHE A 131 36.65 18.58 -1.77
CA PHE A 131 38.10 18.54 -1.99
C PHE A 131 38.70 17.43 -1.10
N PRO A 132 39.09 16.31 -1.71
CA PRO A 132 39.34 15.15 -0.88
C PRO A 132 40.75 15.10 -0.35
N LYS A 133 40.84 14.92 0.97
CA LYS A 133 42.06 14.49 1.62
C LYS A 133 42.13 12.98 1.54
N GLU A 134 41.01 12.30 1.33
CA GLU A 134 40.95 10.82 1.32
C GLU A 134 39.68 10.30 0.63
N THR A 135 39.83 9.27 -0.19
CA THR A 135 38.72 8.70 -0.97
C THR A 135 38.70 7.15 -0.92
N ILE A 136 37.65 6.59 -0.34
CA ILE A 136 37.52 5.19 -0.14
C ILE A 136 36.59 4.63 -1.19
N LEU A 137 36.88 3.41 -1.64
CA LEU A 137 36.01 2.65 -2.55
C LEU A 137 35.03 1.81 -1.73
N LEU A 138 33.76 2.12 -1.91
CA LEU A 138 32.71 1.60 -1.04
C LEU A 138 32.01 0.42 -1.69
N SER A 139 31.73 0.54 -2.98
CA SER A 139 31.10 -0.50 -3.73
C SER A 139 31.38 -0.26 -5.17
N ALA A 140 32.20 -1.10 -5.78
CA ALA A 140 32.60 -0.93 -7.17
C ALA A 140 31.48 -1.13 -8.17
N CYS A 141 31.54 -0.38 -9.27
CA CYS A 141 30.74 -0.71 -10.46
C CYS A 141 31.51 -1.52 -11.50
N LEU A 142 31.19 -2.81 -11.57
CA LEU A 142 31.92 -3.77 -12.40
C LEU A 142 31.69 -3.67 -13.91
N HIS A 143 30.57 -3.08 -14.32
CA HIS A 143 30.21 -3.03 -15.74
C HIS A 143 30.41 -1.64 -16.25
N MET A 144 30.47 -1.50 -17.57
CA MET A 144 30.48 -0.17 -18.21
C MET A 144 29.06 0.35 -18.21
N LEU A 145 28.89 1.60 -17.85
CA LEU A 145 27.55 2.21 -17.84
C LEU A 145 27.26 2.91 -19.17
N PRO A 146 25.98 3.03 -19.50
CA PRO A 146 25.62 3.74 -20.71
C PRO A 146 25.92 5.20 -20.54
N MET A 147 26.32 5.87 -21.60
CA MET A 147 26.60 7.28 -21.54
C MET A 147 25.32 8.08 -21.54
N LYS A 148 25.43 9.36 -21.17
CA LYS A 148 24.26 10.22 -21.11
C LYS A 148 23.58 10.28 -22.46
N TYR A 149 22.27 10.12 -22.46
CA TYR A 149 21.59 9.99 -23.73
C TYR A 149 21.86 8.57 -24.30
N GLY A 150 22.32 7.65 -23.46
CA GLY A 150 22.58 6.28 -23.84
C GLY A 150 21.30 5.59 -24.20
N LEU A 151 20.25 5.88 -23.45
CA LEU A 151 18.94 5.28 -23.69
C LEU A 151 18.04 6.14 -24.56
N THR A 154 15.23 2.58 -24.52
CA THR A 154 15.06 1.27 -25.09
C THR A 154 14.11 0.35 -24.23
N GLU A 155 14.23 -0.97 -24.41
CA GLU A 155 13.51 -1.95 -23.59
C GLU A 155 14.30 -2.23 -22.30
N ILE A 156 15.56 -1.78 -22.25
CA ILE A 156 16.41 -1.97 -21.07
C ILE A 156 15.90 -1.14 -19.88
N ARG A 157 15.40 0.07 -20.15
CA ARG A 157 14.82 0.89 -19.10
C ARG A 157 13.89 0.09 -18.21
N TYR A 158 12.97 -0.64 -18.82
CA TYR A 158 11.94 -1.33 -18.05
C TYR A 158 12.46 -2.57 -17.32
N ARG A 159 13.35 -3.32 -17.97
CA ARG A 159 13.88 -4.54 -17.38
C ARG A 159 14.78 -4.14 -16.20
N GLN A 160 15.70 -3.23 -16.50
CA GLN A 160 16.70 -2.75 -15.57
C GLN A 160 16.40 -1.30 -15.31
N ARG A 161 15.44 -1.06 -14.44
CA ARG A 161 15.07 0.31 -14.05
C ARG A 161 16.23 1.09 -13.43
N TYR A 162 17.00 0.45 -12.59
CA TYR A 162 18.13 1.09 -11.94
C TYR A 162 19.08 1.75 -12.88
N LEU A 163 19.12 1.35 -14.14
CA LEU A 163 19.88 2.13 -15.09
C LEU A 163 19.11 3.39 -15.49
N ASP A 164 17.82 3.25 -15.74
CA ASP A 164 17.02 4.44 -16.05
C ASP A 164 17.15 5.50 -14.95
N LEU A 165 17.00 5.07 -13.71
CA LEU A 165 17.01 5.98 -12.57
C LEU A 165 18.35 6.68 -12.40
N LEU A 166 19.42 5.97 -12.72
CA LEU A 166 20.78 6.49 -12.58
C LEU A 166 21.21 7.48 -13.65
N ILE A 167 20.66 7.34 -14.85
CA ILE A 167 21.13 8.10 -16.00
C ILE A 167 20.17 9.21 -16.45
N ASN A 168 18.89 8.88 -16.55
CA ASN A 168 17.92 9.78 -17.15
C ASN A 168 17.14 10.62 -16.08
N GLU A 169 17.64 11.82 -15.82
CA GLU A 169 17.08 12.74 -14.82
C GLU A 169 15.54 12.83 -14.80
N SER A 170 14.92 12.54 -15.95
CA SER A 170 13.46 12.50 -16.06
C SER A 170 12.86 11.29 -15.36
N SER A 171 13.52 10.14 -15.44
CA SER A 171 12.98 8.93 -14.85
C SER A 171 12.71 9.11 -13.37
N ARG A 172 13.72 9.59 -12.66
CA ARG A 172 13.58 9.88 -11.24
C ARG A 172 12.41 10.80 -10.98
N HIS A 173 12.32 11.87 -11.75
CA HIS A 173 11.22 12.77 -11.65
C HIS A 173 9.86 12.07 -11.82
N THR A 174 9.71 11.35 -12.93
CA THR A 174 8.53 10.54 -13.15
C THR A 174 8.11 9.77 -11.91
N PHE A 175 8.99 9.01 -11.28
CA PHE A 175 8.53 8.23 -10.11
C PHE A 175 8.36 9.01 -8.81
N VAL A 176 9.17 10.03 -8.63
CA VAL A 176 8.92 10.98 -7.53
C VAL A 176 7.54 11.66 -7.61
N THR A 177 7.12 11.90 -8.83
CA THR A 177 5.76 12.38 -9.06
C THR A 177 4.72 11.33 -8.71
N ARG A 178 5.00 10.07 -8.97
CA ARG A 178 3.97 9.10 -8.72
C ARG A 178 3.72 9.18 -7.19
N THR A 179 4.79 9.00 -6.43
CA THR A 179 4.69 8.95 -4.97
C THR A 179 4.06 10.19 -4.40
N LYS A 180 4.33 11.35 -5.01
CA LYS A 180 3.64 12.62 -4.61
C LYS A 180 2.11 12.48 -4.71
N ILE A 181 1.66 12.11 -5.90
CA ILE A 181 0.25 11.95 -6.20
C ILE A 181 -0.40 11.07 -5.17
N ILE A 182 0.21 9.93 -4.92
CA ILE A 182 -0.41 9.01 -4.03
C ILE A 182 -0.54 9.62 -2.65
N ASN A 183 0.49 10.35 -2.23
CA ASN A 183 0.44 11.01 -0.92
C ASN A 183 -0.57 12.10 -0.94
N PHE A 184 -0.60 12.86 -2.01
CA PHE A 184 -1.57 13.92 -2.08
C PHE A 184 -2.95 13.40 -1.80
N LEU A 185 -3.28 12.30 -2.48
CA LEU A 185 -4.58 11.64 -2.38
C LEU A 185 -4.82 11.10 -0.99
N ARG A 186 -3.82 10.49 -0.41
CA ARG A 186 -4.02 9.97 0.91
C ARG A 186 -4.37 11.15 1.86
N ASN A 187 -3.65 12.25 1.71
CA ASN A 187 -3.88 13.44 2.56
C ASN A 187 -5.23 14.10 2.26
N PHE A 188 -5.55 14.20 0.96
CA PHE A 188 -6.88 14.54 0.51
C PHE A 188 -8.00 13.75 1.20
N LEU A 189 -7.88 12.42 1.24
CA LEU A 189 -8.94 11.55 1.77
C LEU A 189 -8.95 11.48 3.27
N ASN A 190 -7.77 11.40 3.87
CA ASN A 190 -7.70 11.38 5.33
C ASN A 190 -8.20 12.68 5.94
N GLU A 191 -7.96 13.81 5.25
CA GLU A 191 -8.49 15.09 5.65
C GLU A 191 -9.97 14.99 5.80
N ARG A 192 -10.60 14.46 4.78
CA ARG A 192 -12.05 14.41 4.73
C ARG A 192 -12.67 13.38 5.66
N GLY A 193 -11.82 12.76 6.46
CA GLY A 193 -12.27 11.81 7.47
C GLY A 193 -12.28 10.37 7.04
N PHE A 194 -11.74 10.04 5.87
CA PHE A 194 -11.77 8.63 5.47
C PHE A 194 -10.78 7.81 6.26
N PHE A 195 -10.97 6.51 6.20
CA PHE A 195 -10.30 5.57 7.09
C PHE A 195 -9.68 4.44 6.30
N GLU A 196 -8.39 4.53 5.96
CA GLU A 196 -7.71 3.45 5.16
CA GLU A 196 -7.75 3.46 5.14
C GLU A 196 -7.80 2.06 5.80
N VAL A 197 -8.18 1.07 4.99
CA VAL A 197 -8.17 -0.37 5.39
C VAL A 197 -7.46 -1.19 4.35
N GLU A 198 -7.17 -2.44 4.72
CA GLU A 198 -6.70 -3.48 3.77
C GLU A 198 -7.72 -4.57 3.72
N THR A 199 -8.12 -4.93 2.51
CA THR A 199 -8.97 -6.09 2.25
C THR A 199 -8.16 -7.24 1.61
N PRO A 200 -8.78 -8.37 1.31
CA PRO A 200 -7.99 -9.47 0.79
C PRO A 200 -7.68 -9.34 -0.68
N MET A 201 -6.45 -9.71 -1.00
CA MET A 201 -5.97 -9.90 -2.35
C MET A 201 -6.51 -11.19 -3.02
N MET A 202 -6.80 -12.21 -2.21
CA MET A 202 -7.35 -13.44 -2.70
C MET A 202 -8.69 -13.75 -2.11
N ASN A 203 -9.65 -13.98 -3.00
CA ASN A 203 -11.02 -14.33 -2.68
C ASN A 203 -11.43 -15.69 -3.29
N LEU A 204 -12.61 -16.17 -2.93
CA LEU A 204 -13.13 -17.38 -3.53
C LEU A 204 -13.98 -17.12 -4.79
N ILE A 205 -13.97 -15.90 -5.32
CA ILE A 205 -14.69 -15.59 -6.58
C ILE A 205 -14.76 -14.07 -6.84
N ALA A 211 -14.15 -8.92 -15.46
CA ALA A 211 -12.76 -9.11 -15.93
C ALA A 211 -12.21 -10.52 -15.61
N ARG A 212 -11.37 -11.05 -16.50
CA ARG A 212 -10.89 -12.41 -16.31
C ARG A 212 -9.85 -12.39 -15.19
N PRO A 213 -9.97 -13.31 -14.22
CA PRO A 213 -9.08 -13.29 -13.08
C PRO A 213 -7.77 -14.08 -13.16
N PHE A 214 -6.82 -13.65 -12.35
CA PHE A 214 -5.63 -14.45 -12.05
C PHE A 214 -6.03 -15.50 -11.02
N ILE A 215 -5.71 -16.77 -11.29
CA ILE A 215 -6.12 -17.91 -10.45
C ILE A 215 -4.88 -18.64 -9.91
N THR A 216 -4.82 -18.81 -8.59
CA THR A 216 -3.68 -19.42 -7.92
C THR A 216 -4.21 -20.46 -6.91
N HIS A 217 -3.34 -21.31 -6.38
CA HIS A 217 -3.75 -22.37 -5.44
C HIS A 217 -3.15 -22.12 -4.05
N HIS A 218 -3.79 -22.56 -2.98
CA HIS A 218 -3.15 -22.46 -1.66
C HIS A 218 -2.82 -23.89 -1.30
N ASN A 219 -1.55 -24.24 -1.15
CA ASN A 219 -1.22 -25.63 -0.85
C ASN A 219 -1.80 -26.17 0.44
N ASP A 220 -1.52 -25.59 1.58
CA ASP A 220 -2.10 -26.15 2.77
C ASP A 220 -3.46 -25.51 2.99
N LEU A 221 -4.35 -25.83 2.05
CA LEU A 221 -5.74 -25.36 2.04
C LEU A 221 -6.54 -26.16 1.03
N ASP A 222 -5.86 -26.60 -0.03
CA ASP A 222 -6.46 -27.40 -1.09
C ASP A 222 -7.64 -26.68 -1.69
N LEU A 223 -7.51 -25.37 -1.85
CA LEU A 223 -8.54 -24.54 -2.45
C LEU A 223 -7.93 -23.69 -3.53
N ASP A 224 -8.63 -23.52 -4.63
CA ASP A 224 -8.13 -22.69 -5.70
C ASP A 224 -8.73 -21.35 -5.42
N LEU A 225 -7.89 -20.33 -5.28
CA LEU A 225 -8.41 -18.98 -4.99
C LEU A 225 -8.19 -18.02 -6.14
N TYR A 226 -8.71 -16.80 -5.99
CA TYR A 226 -8.68 -15.82 -7.08
C TYR A 226 -8.15 -14.46 -6.65
N LEU A 227 -7.08 -14.01 -7.30
CA LEU A 227 -6.63 -12.62 -7.17
C LEU A 227 -7.71 -11.65 -7.55
N ARG A 228 -8.18 -10.91 -6.53
CA ARG A 228 -9.08 -9.72 -6.68
C ARG A 228 -8.92 -8.92 -7.95
N ILE A 229 -10.06 -8.75 -8.64
CA ILE A 229 -10.15 -7.96 -9.86
C ILE A 229 -10.48 -6.52 -9.41
N ALA A 230 -10.82 -6.34 -8.13
CA ALA A 230 -11.08 -5.02 -7.59
C ALA A 230 -11.32 -5.00 -6.08
N THR A 231 -11.42 -3.79 -5.52
CA THR A 231 -11.66 -3.62 -4.08
C THR A 231 -13.08 -3.28 -3.66
N GLU A 232 -13.99 -3.23 -4.63
CA GLU A 232 -15.33 -2.77 -4.37
C GLU A 232 -16.07 -3.54 -3.28
N LEU A 233 -16.06 -4.86 -3.33
CA LEU A 233 -17.05 -5.56 -2.53
C LEU A 233 -16.77 -5.53 -1.03
N PRO A 234 -15.52 -5.75 -0.65
CA PRO A 234 -15.36 -5.83 0.78
C PRO A 234 -15.55 -4.47 1.43
N LEU A 235 -15.07 -3.44 0.77
CA LEU A 235 -15.30 -2.10 1.29
C LEU A 235 -16.80 -1.89 1.58
N LYS A 236 -17.68 -2.30 0.65
CA LYS A 236 -19.10 -2.08 0.90
C LYS A 236 -19.49 -2.86 2.13
N MET A 237 -19.04 -4.10 2.20
CA MET A 237 -19.30 -4.88 3.38
C MET A 237 -18.83 -4.14 4.63
N LEU A 238 -17.86 -3.24 4.51
CA LEU A 238 -17.38 -2.48 5.67
C LEU A 238 -18.24 -1.26 5.97
N ILE A 239 -18.80 -0.66 4.92
CA ILE A 239 -19.79 0.44 5.09
C ILE A 239 -20.92 -0.05 5.96
N VAL A 240 -21.32 -1.31 5.69
CA VAL A 240 -22.25 -2.06 6.52
C VAL A 240 -21.67 -2.26 7.93
N GLY A 241 -20.36 -2.40 8.02
CA GLY A 241 -19.71 -2.49 9.32
C GLY A 241 -19.80 -1.22 10.14
N GLY A 242 -20.05 -0.10 9.47
CA GLY A 242 -20.20 1.17 10.16
C GLY A 242 -18.93 2.00 10.14
N ILE A 243 -18.08 1.74 9.16
CA ILE A 243 -17.00 2.63 8.81
C ILE A 243 -17.55 3.41 7.63
N ASP A 244 -18.13 4.57 7.94
CA ASP A 244 -18.92 5.31 6.95
C ASP A 244 -18.05 5.91 5.82
N LYS A 245 -16.76 6.13 6.08
CA LYS A 245 -15.84 6.61 5.07
C LYS A 245 -14.62 5.75 5.08
N VAL A 246 -14.45 4.97 4.02
CA VAL A 246 -13.45 3.92 4.02
C VAL A 246 -12.78 3.91 2.67
N TYR A 247 -11.47 3.71 2.65
CA TYR A 247 -10.80 3.59 1.36
C TYR A 247 -9.69 2.60 1.40
N GLU A 248 -9.23 2.22 0.22
CA GLU A 248 -8.07 1.39 0.11
C GLU A 248 -7.35 1.75 -1.19
N ILE A 249 -6.04 1.95 -1.07
CA ILE A 249 -5.13 2.12 -2.22
C ILE A 249 -4.30 0.82 -2.39
N GLY A 250 -4.16 0.32 -3.61
CA GLY A 250 -3.52 -1.00 -3.74
C GLY A 250 -3.74 -1.85 -4.98
N LYS A 251 -2.95 -2.89 -5.10
CA LYS A 251 -2.85 -3.57 -6.38
C LYS A 251 -4.01 -4.51 -6.66
N VAL A 252 -4.38 -4.52 -7.93
CA VAL A 252 -5.55 -5.25 -8.42
C VAL A 252 -5.19 -5.89 -9.74
N PHE A 253 -5.74 -7.08 -9.94
CA PHE A 253 -5.18 -8.00 -10.97
C PHE A 253 -6.19 -8.54 -11.97
N ARG A 254 -5.97 -8.16 -13.22
CA ARG A 254 -6.95 -8.37 -14.28
C ARG A 254 -6.34 -9.14 -15.50
N ASN A 255 -6.73 -10.39 -15.70
CA ASN A 255 -6.11 -11.18 -16.76
C ASN A 255 -6.65 -10.84 -18.12
N GLU A 256 -5.86 -10.08 -18.87
CA GLU A 256 -6.26 -9.59 -20.16
C GLU A 256 -5.08 -9.04 -20.92
N GLY A 257 -5.39 -8.39 -22.03
CA GLY A 257 -4.38 -7.84 -22.90
C GLY A 257 -3.53 -6.74 -22.31
N ILE A 258 -2.30 -6.66 -22.80
CA ILE A 258 -1.34 -5.68 -22.34
C ILE A 258 -1.07 -4.65 -23.41
N ASP A 259 -1.18 -3.38 -23.06
CA ASP A 259 -0.89 -2.34 -24.05
C ASP A 259 -0.61 -1.05 -23.31
N ASN A 260 -0.51 0.05 -24.05
CA ASN A 260 -0.10 1.31 -23.48
C ASN A 260 -0.85 1.76 -22.25
N THR A 261 -2.07 1.25 -22.05
CA THR A 261 -2.90 1.71 -20.96
C THR A 261 -3.49 0.53 -20.20
N HIS A 262 -2.68 -0.53 -20.12
CA HIS A 262 -3.14 -1.83 -19.62
C HIS A 262 -2.03 -2.66 -19.06
N ASN A 263 -2.07 -2.90 -17.76
CA ASN A 263 -1.17 -3.85 -17.20
C ASN A 263 -1.94 -4.78 -16.32
N PRO A 264 -1.75 -6.08 -16.50
CA PRO A 264 -2.37 -7.13 -15.72
C PRO A 264 -2.51 -6.88 -14.22
N GLU A 265 -1.45 -6.36 -13.57
CA GLU A 265 -1.56 -5.75 -12.21
C GLU A 265 -1.34 -4.25 -12.25
N PHE A 266 -2.18 -3.52 -11.52
CA PHE A 266 -2.12 -2.03 -11.47
C PHE A 266 -2.73 -1.48 -10.20
N THR A 267 -2.25 -0.31 -9.80
CA THR A 267 -2.70 0.29 -8.57
C THR A 267 -4.04 1.01 -8.73
N SER A 268 -4.91 0.80 -7.74
CA SER A 268 -6.22 1.38 -7.73
C SER A 268 -6.46 1.92 -6.37
N CYS A 269 -7.25 3.01 -6.36
CA CYS A 269 -7.87 3.47 -5.16
C CYS A 269 -9.38 3.33 -5.32
N GLU A 270 -10.04 2.88 -4.27
CA GLU A 270 -11.49 2.96 -4.19
C GLU A 270 -11.82 3.46 -2.78
N PHE A 271 -12.65 4.52 -2.74
CA PHE A 271 -13.25 4.95 -1.49
C PHE A 271 -14.74 4.84 -1.57
N TYR A 272 -15.34 4.67 -0.40
CA TYR A 272 -16.77 4.51 -0.28
C TYR A 272 -17.27 5.37 0.85
N TRP A 273 -18.17 6.27 0.47
CA TRP A 273 -18.65 7.41 1.27
C TRP A 273 -20.13 7.30 1.59
N ALA A 274 -20.43 6.80 2.77
CA ALA A 274 -21.80 6.59 3.20
C ALA A 274 -22.51 7.91 3.22
N TYR A 275 -23.79 7.91 2.85
CA TYR A 275 -24.66 9.09 2.79
C TYR A 275 -24.33 10.08 1.67
N ALA A 276 -23.64 9.62 0.64
CA ALA A 276 -23.28 10.49 -0.45
C ALA A 276 -23.90 10.04 -1.76
N ASP A 277 -24.50 10.99 -2.47
CA ASP A 277 -25.12 10.72 -3.75
C ASP A 277 -24.16 10.97 -4.88
N TYR A 278 -24.64 10.81 -6.10
CA TYR A 278 -23.81 10.99 -7.28
C TYR A 278 -23.26 12.39 -7.36
N ASN A 279 -24.05 13.39 -7.01
CA ASN A 279 -23.61 14.74 -7.11
C ASN A 279 -22.36 15.01 -6.28
N ASP A 280 -22.25 14.46 -5.08
CA ASP A 280 -21.06 14.72 -4.29
C ASP A 280 -19.81 14.18 -4.98
N LEU A 281 -19.93 13.01 -5.60
CA LEU A 281 -18.76 12.40 -6.24
C LEU A 281 -18.26 13.22 -7.40
N ILE A 282 -19.17 13.98 -8.04
CA ILE A 282 -18.79 14.87 -9.13
C ILE A 282 -18.07 16.07 -8.48
N LYS A 283 -18.66 16.62 -7.42
CA LYS A 283 -17.98 17.70 -6.65
C LYS A 283 -16.66 17.17 -6.18
N TRP A 284 -16.66 15.94 -5.68
CA TRP A 284 -15.39 15.37 -5.23
C TRP A 284 -14.34 15.33 -6.33
N SER A 285 -14.71 14.79 -7.47
CA SER A 285 -13.72 14.53 -8.49
C SER A 285 -13.12 15.81 -9.02
N GLU A 286 -13.99 16.76 -9.29
CA GLU A 286 -13.58 18.09 -9.78
C GLU A 286 -12.60 18.82 -8.81
N ASP A 287 -12.93 18.70 -7.53
CA ASP A 287 -12.08 19.19 -6.43
C ASP A 287 -10.75 18.42 -6.30
N PHE A 288 -10.77 17.08 -6.42
CA PHE A 288 -9.56 16.32 -6.31
C PHE A 288 -8.64 16.43 -7.50
N PHE A 289 -9.18 16.41 -8.69
CA PHE A 289 -8.29 16.50 -9.82
C PHE A 289 -7.61 17.83 -9.96
N SER A 290 -8.41 18.90 -9.98
CA SER A 290 -7.91 20.25 -9.99
C SER A 290 -6.82 20.53 -8.93
N GLN A 291 -7.06 20.07 -7.70
CA GLN A 291 -6.15 20.37 -6.59
CA GLN A 291 -6.14 20.37 -6.58
C GLN A 291 -4.81 19.64 -6.72
N LEU A 292 -4.88 18.37 -7.12
CA LEU A 292 -3.68 17.61 -7.42
C LEU A 292 -2.89 18.28 -8.52
N VAL A 293 -3.59 18.66 -9.59
CA VAL A 293 -2.92 19.34 -10.71
C VAL A 293 -2.35 20.68 -10.25
N TYR A 294 -3.09 21.43 -9.45
CA TYR A 294 -2.55 22.68 -8.95
C TYR A 294 -1.39 22.45 -8.01
N HIS A 295 -1.56 21.49 -7.12
CA HIS A 295 -0.48 21.05 -6.23
C HIS A 295 0.83 20.73 -6.94
N LEU A 296 0.75 20.04 -8.07
CA LEU A 296 1.95 19.55 -8.74
C LEU A 296 2.59 20.52 -9.70
N PHE A 297 1.83 21.50 -10.19
CA PHE A 297 2.31 22.40 -11.23
C PHE A 297 2.01 23.87 -10.95
N GLY A 298 1.34 24.17 -9.85
CA GLY A 298 1.00 25.56 -9.54
C GLY A 298 -0.01 26.22 -10.47
N THR A 299 -0.36 25.54 -11.57
CA THR A 299 -1.35 26.04 -12.50
C THR A 299 -2.34 24.92 -12.77
N TYR A 300 -3.53 25.25 -13.24
CA TYR A 300 -4.51 24.20 -13.54
C TYR A 300 -4.18 23.55 -14.85
N LYS A 301 -3.70 24.33 -15.81
CA LYS A 301 -3.34 23.80 -17.12
C LYS A 301 -1.99 23.07 -17.13
N ILE A 302 -1.90 22.01 -17.95
CA ILE A 302 -0.65 21.27 -18.19
C ILE A 302 -0.50 20.99 -19.69
N SER A 303 0.64 20.42 -20.10
CA SER A 303 0.91 20.05 -21.49
C SER A 303 1.09 18.58 -21.52
N TYR A 304 0.69 17.94 -22.61
CA TYR A 304 0.75 16.49 -22.72
C TYR A 304 0.95 16.06 -24.17
N ASN A 305 2.09 15.47 -24.46
CA ASN A 305 2.37 14.95 -25.80
C ASN A 305 1.55 13.68 -26.06
N LYS A 306 0.32 13.88 -26.54
CA LYS A 306 -0.63 12.79 -26.81
C LYS A 306 -0.05 11.83 -27.83
N ASP A 307 0.45 12.39 -28.92
CA ASP A 307 0.90 11.63 -30.07
C ASP A 307 2.37 11.28 -29.98
N GLY A 308 2.95 11.41 -28.80
CA GLY A 308 4.36 11.12 -28.60
C GLY A 308 5.22 12.36 -28.65
N PRO A 309 6.43 12.28 -28.09
CA PRO A 309 7.36 13.40 -27.86
C PRO A 309 8.01 13.99 -29.10
N GLU A 310 7.87 13.29 -30.23
CA GLU A 310 8.29 13.80 -31.53
C GLU A 310 7.19 14.70 -32.14
N ASN A 311 6.03 14.73 -31.50
CA ASN A 311 4.90 15.52 -31.96
C ASN A 311 4.43 16.56 -30.94
N GLN A 312 3.93 17.68 -31.47
CA GLN A 312 3.49 18.83 -30.67
C GLN A 312 2.55 18.39 -29.53
N PRO A 313 2.70 19.01 -28.34
CA PRO A 313 1.90 18.60 -27.19
C PRO A 313 0.54 19.19 -27.30
N ILE A 314 -0.38 18.73 -26.47
CA ILE A 314 -1.63 19.43 -26.31
C ILE A 314 -1.70 19.95 -24.88
N GLU A 315 -2.62 20.87 -24.63
CA GLU A 315 -2.80 21.48 -23.32
C GLU A 315 -4.12 20.99 -22.77
N ILE A 316 -4.07 20.43 -21.56
CA ILE A 316 -5.27 19.92 -20.88
C ILE A 316 -5.59 20.79 -19.68
N ASP A 317 -6.84 21.25 -19.61
CA ASP A 317 -7.24 22.29 -18.67
C ASP A 317 -8.14 21.76 -17.55
N PHE A 318 -7.60 21.66 -16.34
CA PHE A 318 -8.32 21.06 -15.19
C PHE A 318 -9.17 22.03 -14.34
N THR A 319 -9.61 23.14 -14.90
CA THR A 319 -10.36 24.10 -14.12
C THR A 319 -11.85 23.68 -14.03
N PRO A 320 -12.36 23.42 -12.81
CA PRO A 320 -13.76 23.02 -12.72
C PRO A 320 -14.70 24.15 -13.08
N PRO A 321 -15.91 23.78 -13.51
CA PRO A 321 -16.33 22.41 -13.56
C PRO A 321 -15.87 21.74 -14.88
N TYR A 322 -15.99 20.43 -14.94
CA TYR A 322 -15.76 19.70 -16.17
C TYR A 322 -17.10 19.36 -16.80
N PRO A 323 -17.12 19.12 -18.12
CA PRO A 323 -18.36 18.74 -18.79
C PRO A 323 -18.92 17.39 -18.38
N LYS A 324 -20.21 17.18 -18.54
CA LYS A 324 -20.83 15.89 -18.27
C LYS A 324 -21.65 15.51 -19.49
N VAL A 325 -21.44 14.31 -20.01
CA VAL A 325 -22.11 13.90 -21.24
C VAL A 325 -22.97 12.68 -20.94
N SER A 326 -24.22 12.72 -21.36
CA SER A 326 -25.12 11.59 -21.16
C SER A 326 -24.92 10.56 -22.27
N ILE A 327 -24.35 9.42 -21.91
CA ILE A 327 -23.89 8.44 -22.91
C ILE A 327 -24.92 8.10 -23.97
N VAL A 328 -26.13 7.73 -23.55
CA VAL A 328 -27.15 7.31 -24.49
C VAL A 328 -27.54 8.51 -25.34
N GLU A 329 -27.88 9.61 -24.68
CA GLU A 329 -28.31 10.83 -25.37
C GLU A 329 -27.29 11.33 -26.40
N GLU A 330 -26.01 11.04 -26.18
CA GLU A 330 -24.98 11.46 -27.14
C GLU A 330 -24.97 10.54 -28.35
N ILE A 331 -24.77 9.26 -28.13
CA ILE A 331 -24.82 8.29 -29.21
C ILE A 331 -26.09 8.50 -30.04
N GLU A 332 -27.22 8.65 -29.36
CA GLU A 332 -28.49 9.01 -30.04
C GLU A 332 -28.31 10.27 -30.89
N LYS A 333 -27.90 11.35 -30.24
CA LYS A 333 -27.71 12.63 -30.92
C LYS A 333 -26.80 12.50 -32.12
N VAL A 334 -25.66 11.86 -31.90
CA VAL A 334 -24.59 11.81 -32.90
C VAL A 334 -24.84 10.83 -34.03
N THR A 335 -25.85 9.98 -33.91
CA THR A 335 -26.10 8.98 -34.94
C THR A 335 -27.45 9.19 -35.64
N ASN A 336 -28.09 10.34 -35.42
CA ASN A 336 -29.44 10.59 -35.94
C ASN A 336 -30.42 9.46 -35.59
N THR A 337 -30.21 8.84 -34.42
CA THR A 337 -30.86 7.57 -34.07
C THR A 337 -31.53 7.62 -32.71
N ILE A 338 -32.64 6.89 -32.58
CA ILE A 338 -33.25 6.62 -31.29
C ILE A 338 -32.86 5.20 -30.88
N LEU A 339 -32.49 5.05 -29.61
CA LEU A 339 -32.17 3.73 -29.06
C LEU A 339 -33.18 3.33 -27.99
N GLU A 340 -34.30 2.78 -28.45
CA GLU A 340 -35.41 2.42 -27.59
C GLU A 340 -35.03 1.35 -26.56
N GLN A 341 -35.61 1.47 -25.36
CA GLN A 341 -35.41 0.48 -24.31
C GLN A 341 -36.40 -0.68 -24.46
N PRO A 342 -36.12 -1.83 -23.81
CA PRO A 342 -34.83 -2.15 -23.22
C PRO A 342 -33.76 -2.34 -24.29
N PHE A 343 -32.51 -2.18 -23.89
CA PHE A 343 -31.41 -2.11 -24.84
C PHE A 343 -31.07 -3.47 -25.44
N ASP A 344 -31.23 -4.50 -24.62
CA ASP A 344 -31.03 -5.89 -25.02
C ASP A 344 -32.22 -6.45 -25.80
N SER A 345 -33.30 -5.68 -25.92
CA SER A 345 -34.37 -6.06 -26.83
C SER A 345 -33.80 -6.45 -28.18
N ASN A 346 -34.56 -7.22 -28.93
CA ASN A 346 -34.12 -7.63 -30.26
C ASN A 346 -33.93 -6.44 -31.17
N GLU A 347 -35.03 -5.71 -31.42
CA GLU A 347 -35.07 -4.57 -32.34
C GLU A 347 -33.86 -3.64 -32.24
N THR A 348 -33.43 -3.36 -31.02
CA THR A 348 -32.43 -2.34 -30.72
C THR A 348 -30.97 -2.83 -30.92
N ILE A 349 -30.68 -4.07 -30.52
CA ILE A 349 -29.35 -4.64 -30.72
C ILE A 349 -28.94 -4.59 -32.19
N GLU A 350 -29.86 -4.99 -33.05
CA GLU A 350 -29.67 -4.94 -34.51
C GLU A 350 -29.39 -3.50 -34.95
N LYS A 351 -30.21 -2.59 -34.43
CA LYS A 351 -30.06 -1.14 -34.66
C LYS A 351 -28.67 -0.67 -34.27
N MET A 352 -28.09 -1.25 -33.22
CA MET A 352 -26.73 -0.92 -32.85
C MET A 352 -25.69 -1.60 -33.74
N ILE A 353 -25.89 -2.88 -34.07
CA ILE A 353 -24.93 -3.56 -34.95
C ILE A 353 -24.91 -2.93 -36.33
N ASN A 354 -26.11 -2.64 -36.85
CA ASN A 354 -26.27 -1.82 -38.05
C ASN A 354 -25.39 -0.56 -38.00
N ILE A 355 -25.42 0.12 -36.86
CA ILE A 355 -24.64 1.35 -36.68
C ILE A 355 -23.15 1.05 -36.72
N ILE A 356 -22.72 0.01 -36.01
CA ILE A 356 -21.30 -0.31 -35.86
C ILE A 356 -20.66 -0.57 -37.20
N LYS A 357 -21.24 -1.48 -37.95
CA LYS A 357 -20.76 -1.81 -39.28
C LYS A 357 -20.78 -0.60 -40.22
N GLU A 358 -21.93 0.08 -40.26
CA GLU A 358 -22.18 1.19 -41.18
C GLU A 358 -21.29 2.42 -40.94
N HIS A 359 -20.65 2.49 -39.76
CA HIS A 359 -19.60 3.47 -39.48
C HIS A 359 -18.21 2.78 -39.45
N LYS A 360 -18.09 1.67 -40.18
CA LYS A 360 -16.83 0.93 -40.35
C LYS A 360 -16.07 0.48 -39.09
N ILE A 361 -16.77 0.21 -37.98
CA ILE A 361 -16.12 -0.14 -36.68
C ILE A 361 -16.18 -1.65 -36.33
N GLU A 362 -15.21 -2.11 -35.53
CA GLU A 362 -15.06 -3.52 -35.12
C GLU A 362 -16.16 -4.02 -34.19
N LEU A 363 -16.98 -4.94 -34.70
CA LEU A 363 -17.98 -5.67 -33.91
C LEU A 363 -17.31 -6.57 -32.87
N PRO A 364 -17.80 -6.59 -31.60
CA PRO A 364 -17.36 -7.63 -30.67
C PRO A 364 -18.28 -8.87 -30.61
N ASN A 365 -17.68 -10.01 -30.25
CA ASN A 365 -18.39 -11.26 -29.98
C ASN A 365 -18.08 -11.75 -28.56
N PRO A 366 -19.10 -12.02 -27.74
CA PRO A 366 -20.54 -11.89 -28.04
C PRO A 366 -21.01 -10.46 -28.35
N PRO A 367 -22.06 -10.35 -29.18
CA PRO A 367 -22.74 -9.08 -29.37
C PRO A 367 -23.86 -8.95 -28.35
N THR A 368 -23.47 -8.60 -27.12
CA THR A 368 -24.42 -8.25 -26.06
C THR A 368 -24.57 -6.75 -26.12
N ALA A 369 -25.79 -6.29 -25.89
CA ALA A 369 -26.09 -4.86 -25.86
C ALA A 369 -25.15 -4.07 -24.93
N ALA A 370 -24.72 -4.68 -23.82
CA ALA A 370 -23.79 -4.01 -22.91
C ALA A 370 -22.50 -3.65 -23.64
N LYS A 371 -21.91 -4.65 -24.31
CA LYS A 371 -20.66 -4.45 -25.06
C LYS A 371 -20.86 -3.62 -26.32
N LEU A 372 -22.05 -3.67 -26.90
CA LEU A 372 -22.32 -2.92 -28.12
C LEU A 372 -22.32 -1.43 -27.81
N LEU A 373 -22.91 -1.07 -26.68
CA LEU A 373 -22.86 0.31 -26.18
C LEU A 373 -21.44 0.77 -26.02
N ASP A 374 -20.68 0.00 -25.25
CA ASP A 374 -19.33 0.38 -24.89
C ASP A 374 -18.51 0.73 -26.12
N GLN A 375 -18.57 -0.12 -27.13
CA GLN A 375 -17.84 0.11 -28.36
C GLN A 375 -18.26 1.43 -28.97
N LEU A 376 -19.58 1.62 -29.11
CA LEU A 376 -20.17 2.81 -29.75
C LEU A 376 -19.75 4.04 -29.03
N ALA A 377 -19.83 3.97 -27.71
CA ALA A 377 -19.31 5.02 -26.85
C ALA A 377 -17.84 5.30 -27.19
N SER A 378 -17.01 4.25 -27.10
CA SER A 378 -15.57 4.40 -27.27
C SER A 378 -15.19 4.94 -28.65
N HIS A 379 -16.10 4.87 -29.62
CA HIS A 379 -15.82 5.49 -30.91
C HIS A 379 -16.26 6.96 -30.95
N PHE A 380 -17.54 7.22 -30.76
CA PHE A 380 -18.08 8.58 -30.93
C PHE A 380 -17.73 9.53 -29.78
N ILE A 381 -18.01 9.11 -28.54
CA ILE A 381 -18.01 10.02 -27.40
C ILE A 381 -16.63 10.22 -26.73
N GLU A 382 -15.91 9.11 -26.53
CA GLU A 382 -14.74 9.10 -25.62
C GLU A 382 -13.68 10.14 -26.02
N ASN A 383 -13.57 10.45 -27.32
CA ASN A 383 -12.68 11.54 -27.76
C ASN A 383 -13.39 12.83 -28.18
N LYS A 384 -14.41 13.19 -27.41
CA LYS A 384 -15.11 14.46 -27.63
C LYS A 384 -14.25 15.63 -27.15
N TYR A 385 -13.63 15.48 -26.00
CA TYR A 385 -12.69 16.47 -25.49
C TYR A 385 -11.36 15.82 -25.11
N ASN A 386 -10.28 16.33 -25.69
CA ASN A 386 -8.94 16.02 -25.20
C ASN A 386 -8.41 17.18 -24.35
N ASP A 387 -8.65 18.41 -24.85
CA ASP A 387 -8.27 19.67 -24.18
C ASP A 387 -8.86 19.91 -22.77
N LYS A 388 -9.85 19.13 -22.37
CA LYS A 388 -10.33 19.12 -20.98
C LYS A 388 -10.57 17.67 -20.50
N PRO A 389 -10.63 17.45 -19.18
CA PRO A 389 -11.22 16.21 -18.71
C PRO A 389 -12.68 16.38 -18.73
N PHE A 390 -13.43 15.31 -18.84
CA PHE A 390 -14.87 15.41 -18.81
C PHE A 390 -15.52 14.10 -18.40
N PHE A 391 -16.79 14.18 -18.06
CA PHE A 391 -17.51 13.06 -17.49
C PHE A 391 -18.47 12.49 -18.49
N ILE A 392 -18.70 11.19 -18.39
CA ILE A 392 -19.66 10.52 -19.24
C ILE A 392 -20.55 9.75 -18.30
N VAL A 393 -21.75 10.28 -18.11
CA VAL A 393 -22.61 9.97 -16.98
C VAL A 393 -23.89 9.30 -17.42
N GLU A 394 -24.59 8.70 -16.44
CA GLU A 394 -25.86 8.01 -16.66
C GLU A 394 -25.87 6.80 -17.59
N HIS A 395 -24.97 5.86 -17.32
CA HIS A 395 -24.87 4.65 -18.09
C HIS A 395 -26.07 3.77 -17.79
N PRO A 396 -26.44 2.89 -18.72
CA PRO A 396 -27.59 2.05 -18.41
C PRO A 396 -27.31 0.95 -17.36
N GLN A 397 -28.39 0.40 -16.80
CA GLN A 397 -28.29 -0.64 -15.79
CA GLN A 397 -28.30 -0.66 -15.79
C GLN A 397 -27.67 -1.90 -16.35
N ILE A 398 -27.86 -2.18 -17.64
CA ILE A 398 -27.29 -3.40 -18.22
C ILE A 398 -25.81 -3.26 -18.59
N MET A 399 -25.23 -2.10 -18.29
CA MET A 399 -23.79 -1.92 -18.33
C MET A 399 -23.26 -1.93 -16.91
N SER A 400 -24.16 -1.72 -15.95
CA SER A 400 -23.79 -1.14 -14.67
C SER A 400 -24.55 -1.82 -13.54
N PRO A 401 -24.10 -3.00 -13.13
CA PRO A 401 -24.98 -3.79 -12.29
C PRO A 401 -24.79 -3.55 -10.79
N LEU A 402 -23.85 -2.72 -10.40
CA LEU A 402 -23.80 -2.31 -8.98
C LEU A 402 -24.28 -0.85 -8.84
N ALA A 403 -24.43 -0.19 -9.97
CA ALA A 403 -24.85 1.19 -10.00
C ALA A 403 -26.35 1.36 -9.70
N LYS A 404 -26.71 2.15 -8.68
CA LYS A 404 -28.12 2.36 -8.32
C LYS A 404 -28.92 3.00 -9.41
N TYR A 405 -30.16 2.55 -9.55
CA TYR A 405 -31.04 3.05 -10.59
C TYR A 405 -31.31 4.56 -10.46
N HIS A 406 -30.89 5.30 -11.46
CA HIS A 406 -31.12 6.73 -11.53
C HIS A 406 -32.53 7.11 -11.09
N ARG A 407 -32.67 8.23 -10.41
CA ARG A 407 -33.86 8.52 -9.59
C ARG A 407 -35.03 9.15 -10.31
N THR A 408 -34.79 9.74 -11.47
CA THR A 408 -35.87 10.26 -12.31
C THR A 408 -35.93 9.55 -13.65
N LYS A 409 -34.78 9.18 -14.19
CA LYS A 409 -34.67 8.60 -15.52
C LYS A 409 -34.71 7.08 -15.44
N PRO A 410 -35.74 6.48 -16.08
CA PRO A 410 -35.85 5.04 -16.06
C PRO A 410 -34.82 4.41 -16.96
N GLY A 411 -34.35 3.23 -16.59
CA GLY A 411 -33.40 2.50 -17.41
C GLY A 411 -31.96 2.81 -17.12
N LEU A 412 -31.66 4.07 -16.84
CA LEU A 412 -30.30 4.50 -16.51
C LEU A 412 -29.98 4.31 -15.04
N THR A 413 -28.69 4.42 -14.75
CA THR A 413 -28.10 4.53 -13.40
C THR A 413 -27.49 5.92 -13.16
N GLU A 414 -27.06 6.16 -11.92
CA GLU A 414 -26.48 7.43 -11.45
C GLU A 414 -24.97 7.34 -11.35
N ARG A 415 -24.35 7.13 -12.50
CA ARG A 415 -22.96 6.73 -12.55
C ARG A 415 -22.16 7.79 -13.29
N LEU A 416 -20.87 7.87 -13.03
CA LEU A 416 -20.00 8.75 -13.79
C LEU A 416 -18.65 8.12 -14.10
N GLU A 417 -18.03 8.60 -15.18
CA GLU A 417 -16.70 8.24 -15.55
C GLU A 417 -15.93 9.41 -16.13
N MET A 418 -14.82 9.75 -15.50
CA MET A 418 -14.02 10.86 -15.95
C MET A 418 -13.04 10.35 -16.98
N PHE A 419 -12.92 11.08 -18.08
CA PHE A 419 -12.01 10.71 -19.15
C PHE A 419 -11.00 11.80 -19.42
N ILE A 420 -9.74 11.38 -19.54
CA ILE A 420 -8.67 12.27 -19.94
C ILE A 420 -8.17 11.78 -21.30
N CYS A 421 -8.13 12.65 -22.29
CA CYS A 421 -7.55 12.31 -23.59
C CYS A 421 -7.96 10.92 -24.02
N GLY A 422 -9.25 10.72 -24.19
CA GLY A 422 -9.77 9.42 -24.60
C GLY A 422 -9.80 8.30 -23.57
N LYS A 423 -9.01 8.37 -22.49
CA LYS A 423 -8.88 7.22 -21.57
C LYS A 423 -9.60 7.41 -20.22
N GLU A 424 -10.18 6.32 -19.73
CA GLU A 424 -10.93 6.30 -18.49
C GLU A 424 -10.00 6.33 -17.29
N VAL A 425 -10.29 7.14 -16.28
CA VAL A 425 -9.43 7.19 -15.06
C VAL A 425 -10.19 7.25 -13.75
N LEU A 426 -11.48 7.45 -13.83
CA LEU A 426 -12.31 7.45 -12.66
C LEU A 426 -13.59 6.73 -13.06
N ASN A 427 -14.14 6.00 -12.12
CA ASN A 427 -15.42 5.36 -12.33
C ASN A 427 -16.11 5.32 -10.97
N ALA A 428 -17.33 5.85 -10.93
CA ALA A 428 -18.01 5.98 -9.64
C ALA A 428 -19.50 6.07 -9.81
N TYR A 429 -20.22 5.67 -8.77
CA TYR A 429 -21.66 5.78 -8.77
C TYR A 429 -22.26 5.78 -7.38
N THR A 430 -23.47 6.35 -7.33
CA THR A 430 -24.40 6.09 -6.26
C THR A 430 -24.44 4.57 -6.20
N GLU A 431 -24.13 3.99 -5.05
CA GLU A 431 -24.07 2.50 -4.95
C GLU A 431 -25.48 1.99 -4.90
N LEU A 432 -25.68 0.73 -5.24
CA LEU A 432 -26.99 0.11 -5.12
C LEU A 432 -26.97 -0.55 -3.77
N ASN A 433 -28.00 -0.35 -2.97
CA ASN A 433 -28.01 -0.84 -1.59
C ASN A 433 -29.21 -1.71 -1.24
N ASP A 434 -30.10 -1.90 -2.22
CA ASP A 434 -31.35 -2.66 -2.05
C ASP A 434 -31.24 -4.11 -2.57
N PRO A 435 -31.07 -5.08 -1.65
CA PRO A 435 -30.70 -6.43 -2.10
C PRO A 435 -31.66 -6.99 -3.13
N PHE A 436 -32.94 -6.66 -2.98
CA PHE A 436 -33.94 -7.14 -3.92
C PHE A 436 -33.60 -6.72 -5.35
N LYS A 437 -33.16 -5.48 -5.54
CA LYS A 437 -32.88 -5.00 -6.92
C LYS A 437 -31.58 -5.58 -7.54
N GLN A 438 -30.79 -6.31 -6.76
CA GLN A 438 -29.55 -6.88 -7.28
C GLN A 438 -29.85 -8.15 -8.06
N LYS A 439 -29.68 -8.10 -9.37
CA LYS A 439 -30.13 -9.22 -10.23
C LYS A 439 -29.30 -10.49 -10.05
N GLU A 440 -28.01 -10.34 -9.76
CA GLU A 440 -27.13 -11.46 -9.42
C GLU A 440 -27.49 -12.14 -8.07
N CYS A 441 -27.97 -11.35 -7.09
CA CYS A 441 -28.29 -11.85 -5.73
C CYS A 441 -29.60 -12.61 -5.68
N PHE A 442 -30.54 -12.28 -6.54
CA PHE A 442 -31.80 -13.06 -6.66
C PHE A 442 -31.66 -14.21 -7.66
N LEU A 459 -22.17 -12.70 -7.90
CA LEU A 459 -21.39 -12.12 -6.81
C LEU A 459 -21.26 -13.07 -5.59
N ASP A 460 -20.55 -12.59 -4.57
CA ASP A 460 -20.30 -13.36 -3.35
C ASP A 460 -21.59 -13.62 -2.54
N SER A 461 -21.75 -14.88 -2.10
CA SER A 461 -22.73 -15.22 -1.06
C SER A 461 -22.55 -14.26 0.14
N ALA A 462 -21.30 -13.99 0.50
CA ALA A 462 -20.98 -13.12 1.65
C ALA A 462 -21.42 -11.67 1.47
N PHE A 463 -21.08 -11.10 0.30
CA PHE A 463 -21.42 -9.69 -0.02
C PHE A 463 -22.91 -9.50 -0.11
N CYS A 464 -23.56 -10.31 -0.94
CA CYS A 464 -25.01 -10.31 -1.02
C CYS A 464 -25.63 -10.27 0.38
N THR A 465 -25.21 -11.17 1.25
CA THR A 465 -25.78 -11.24 2.58
C THR A 465 -25.66 -9.92 3.34
N SER A 466 -24.44 -9.38 3.38
CA SER A 466 -24.21 -8.07 3.98
C SER A 466 -25.29 -7.08 3.54
N LEU A 467 -25.45 -6.87 2.24
CA LEU A 467 -26.51 -5.97 1.76
C LEU A 467 -27.86 -6.15 2.43
N GLU A 468 -28.12 -7.37 2.88
CA GLU A 468 -29.36 -7.70 3.58
C GLU A 468 -29.33 -7.25 5.03
N TYR A 469 -28.13 -7.13 5.58
CA TYR A 469 -27.95 -6.53 6.91
C TYR A 469 -28.15 -5.03 6.89
N GLY A 470 -28.01 -4.44 5.70
CA GLY A 470 -28.56 -3.12 5.44
C GLY A 470 -27.49 -2.12 5.14
N LEU A 471 -27.33 -1.83 3.85
CA LEU A 471 -26.32 -0.88 3.42
C LEU A 471 -27.00 0.48 3.26
N PRO A 472 -26.47 1.53 3.92
CA PRO A 472 -27.03 2.86 3.78
C PRO A 472 -26.80 3.43 2.40
N PRO A 473 -27.46 4.53 2.06
CA PRO A 473 -27.17 5.18 0.80
C PRO A 473 -25.73 5.49 0.82
N THR A 474 -25.04 5.18 -0.26
CA THR A 474 -23.62 5.36 -0.30
C THR A 474 -23.24 5.69 -1.73
N GLY A 475 -22.23 6.54 -1.85
CA GLY A 475 -21.56 6.81 -3.10
C GLY A 475 -20.14 6.32 -2.96
N GLY A 476 -19.51 5.96 -4.07
CA GLY A 476 -18.22 5.23 -4.05
C GLY A 476 -17.50 5.40 -5.38
N LEU A 477 -16.17 5.37 -5.34
CA LEU A 477 -15.40 5.92 -6.45
C LEU A 477 -14.10 5.18 -6.62
N GLY A 478 -13.67 5.09 -7.87
CA GLY A 478 -12.52 4.30 -8.23
C GLY A 478 -11.63 5.13 -9.13
N LEU A 479 -10.32 5.05 -8.87
CA LEU A 479 -9.32 5.75 -9.65
C LEU A 479 -8.22 4.80 -10.15
N GLY A 480 -7.85 5.01 -11.40
CA GLY A 480 -6.72 4.38 -11.99
C GLY A 480 -5.40 5.07 -11.74
N ILE A 481 -4.78 4.80 -10.60
CA ILE A 481 -3.53 5.47 -10.25
C ILE A 481 -2.53 5.68 -11.39
N ASP A 482 -2.39 4.70 -12.24
CA ASP A 482 -1.28 4.72 -13.18
C ASP A 482 -1.65 5.63 -14.35
N ARG A 483 -2.91 5.65 -14.72
CA ARG A 483 -3.27 6.45 -15.88
C ARG A 483 -3.24 7.89 -15.46
N ILE A 484 -3.65 8.12 -14.22
CA ILE A 484 -3.56 9.44 -13.67
C ILE A 484 -2.10 9.85 -13.72
N THR A 485 -1.22 9.02 -13.15
CA THR A 485 0.20 9.30 -13.16
C THR A 485 0.75 9.52 -14.53
N MET A 486 0.34 8.68 -15.45
CA MET A 486 0.71 8.80 -16.86
C MET A 486 0.54 10.19 -17.42
N PHE A 487 -0.64 10.76 -17.18
CA PHE A 487 -0.98 12.06 -17.76
C PHE A 487 -0.20 13.14 -17.09
N LEU A 488 -0.04 13.00 -15.78
CA LEU A 488 0.63 14.03 -15.02
C LEU A 488 2.13 14.02 -15.22
N THR A 489 2.67 12.94 -15.80
CA THR A 489 4.12 12.79 -16.05
C THR A 489 4.44 12.61 -17.53
N ASN A 490 3.54 13.10 -18.36
CA ASN A 490 3.72 13.13 -19.79
C ASN A 490 4.26 11.84 -20.38
N LYS A 491 3.63 10.70 -20.05
CA LYS A 491 4.01 9.40 -20.64
C LYS A 491 2.91 8.79 -21.47
N ASN A 492 3.32 8.26 -22.63
CA ASN A 492 2.42 7.60 -23.56
C ASN A 492 2.16 6.19 -23.15
N SER A 493 3.09 5.63 -22.38
CA SER A 493 2.91 4.27 -21.93
C SER A 493 2.75 4.22 -20.45
N ILE A 494 1.83 3.38 -20.01
CA ILE A 494 1.71 2.98 -18.62
C ILE A 494 2.96 2.23 -18.13
N LYS A 495 3.71 1.59 -19.04
CA LYS A 495 4.94 0.89 -18.65
C LYS A 495 5.94 1.90 -18.05
N ASP A 496 5.90 3.15 -18.50
CA ASP A 496 6.84 4.17 -18.04
C ASP A 496 6.63 4.55 -16.57
N VAL A 497 5.40 4.52 -16.07
CA VAL A 497 5.13 4.97 -14.68
C VAL A 497 4.97 3.82 -13.69
N ILE A 498 5.29 2.61 -14.12
CA ILE A 498 5.43 1.51 -13.21
C ILE A 498 6.91 1.08 -13.16
N LEU A 499 7.39 0.80 -11.96
CA LEU A 499 8.82 0.71 -11.74
C LEU A 499 9.46 -0.52 -12.37
N PHE A 500 8.85 -1.66 -12.13
CA PHE A 500 9.27 -2.91 -12.79
C PHE A 500 8.06 -3.59 -13.42
N PRO A 501 7.71 -3.17 -14.65
CA PRO A 501 6.54 -3.73 -15.30
C PRO A 501 6.80 -5.17 -15.63
N THR A 502 5.76 -5.96 -15.83
CA THR A 502 5.93 -7.40 -16.14
C THR A 502 6.25 -7.63 -17.64
N MET A 503 7.49 -8.01 -17.94
CA MET A 503 7.95 -8.13 -19.32
C MET A 503 8.02 -9.60 -19.76
N ARG A 504 8.14 -9.84 -21.07
CA ARG A 504 8.51 -11.17 -21.55
C ARG A 504 9.98 -11.46 -21.17
N PRO A 505 10.36 -12.75 -21.14
CA PRO A 505 11.75 -13.10 -20.88
C PRO A 505 12.61 -13.07 -22.13
N GLU B 1 -37.80 -15.26 21.43
CA GLU B 1 -36.91 -16.15 20.64
C GLU B 1 -37.48 -16.41 19.26
N VAL B 2 -37.07 -15.62 18.28
CA VAL B 2 -37.60 -15.72 16.91
C VAL B 2 -36.75 -16.67 16.07
N ASP B 3 -37.32 -17.20 14.97
CA ASP B 3 -36.55 -17.95 13.97
C ASP B 3 -35.99 -16.97 12.95
N PRO B 4 -34.70 -17.12 12.59
CA PRO B 4 -34.02 -16.21 11.66
C PRO B 4 -34.44 -16.39 10.20
N ARG B 5 -34.95 -17.59 9.91
CA ARG B 5 -35.44 -17.94 8.57
C ARG B 5 -36.61 -17.07 8.11
N LEU B 6 -37.67 -17.05 8.91
CA LEU B 6 -38.89 -16.28 8.62
C LEU B 6 -38.71 -14.76 8.80
N TYR B 7 -37.91 -14.34 9.79
CA TYR B 7 -37.63 -12.93 10.04
C TYR B 7 -37.20 -12.25 8.75
N PHE B 8 -36.29 -12.90 8.02
CA PHE B 8 -35.85 -12.43 6.69
C PHE B 8 -37.03 -12.36 5.72
N GLU B 9 -37.85 -13.39 5.69
CA GLU B 9 -38.99 -13.43 4.78
C GLU B 9 -40.05 -12.39 5.09
N ASN B 10 -40.33 -12.19 6.37
CA ASN B 10 -41.37 -11.25 6.77
C ASN B 10 -40.92 -9.77 6.56
N ARG B 11 -39.60 -9.55 6.56
CA ARG B 11 -39.10 -8.20 6.34
C ARG B 11 -39.00 -7.97 4.85
N SER B 12 -38.51 -8.98 4.13
CA SER B 12 -38.48 -8.95 2.67
C SER B 12 -39.90 -8.67 2.12
N LYS B 13 -40.91 -9.21 2.80
CA LYS B 13 -42.31 -8.95 2.46
C LYS B 13 -42.59 -7.49 2.78
N PHE B 14 -42.33 -7.10 4.03
CA PHE B 14 -42.53 -5.73 4.46
C PHE B 14 -41.93 -4.71 3.48
N ILE B 15 -40.75 -5.00 2.94
CA ILE B 15 -40.15 -4.14 1.91
C ILE B 15 -41.05 -4.06 0.67
N GLN B 16 -41.44 -5.20 0.12
CA GLN B 16 -42.28 -5.24 -1.09
C GLN B 16 -43.59 -4.48 -0.90
N ASP B 17 -44.20 -4.69 0.27
CA ASP B 17 -45.42 -3.97 0.66
C ASP B 17 -45.22 -2.46 0.67
N GLN B 18 -44.05 -2.02 1.09
CA GLN B 18 -43.72 -0.61 1.14
C GLN B 18 -43.65 -0.03 -0.27
N LYS B 19 -43.00 -0.77 -1.17
CA LYS B 19 -42.95 -0.43 -2.60
C LYS B 19 -44.35 -0.44 -3.23
N ASP B 20 -45.20 -1.38 -2.83
CA ASP B 20 -46.57 -1.41 -3.34
C ASP B 20 -47.38 -0.17 -2.94
N LYS B 21 -47.09 0.35 -1.76
CA LYS B 21 -47.76 1.54 -1.21
C LYS B 21 -47.26 2.87 -1.78
N GLY B 22 -46.29 2.79 -2.70
CA GLY B 22 -45.72 3.99 -3.32
C GLY B 22 -44.53 4.52 -2.55
N ILE B 23 -44.20 3.86 -1.44
CA ILE B 23 -43.12 4.30 -0.57
C ILE B 23 -41.83 3.68 -1.08
N ASN B 24 -40.73 4.40 -0.88
CA ASN B 24 -39.42 3.91 -1.26
C ASN B 24 -38.62 3.68 0.00
N PRO B 25 -38.34 2.42 0.33
CA PRO B 25 -37.68 2.07 1.56
C PRO B 25 -36.17 2.02 1.40
N TYR B 26 -35.66 2.53 0.27
CA TYR B 26 -34.24 2.60 0.03
C TYR B 26 -33.89 3.93 -0.68
N PRO B 27 -34.35 5.07 -0.12
CA PRO B 27 -34.29 6.36 -0.83
C PRO B 27 -32.87 6.76 -1.17
N HIS B 28 -32.70 7.52 -2.26
CA HIS B 28 -31.38 7.82 -2.79
C HIS B 28 -30.55 8.76 -1.87
N LYS B 29 -31.09 9.90 -1.44
CA LYS B 29 -30.29 10.90 -0.68
C LYS B 29 -31.01 11.49 0.54
N PHE B 30 -30.23 11.71 1.59
CA PHE B 30 -30.71 12.35 2.81
C PHE B 30 -29.63 13.38 3.21
N GLU B 31 -29.97 14.66 3.05
CA GLU B 31 -28.98 15.74 3.27
C GLU B 31 -28.88 15.94 4.77
N ARG B 32 -27.85 15.35 5.36
CA ARG B 32 -27.70 15.45 6.79
C ARG B 32 -26.86 16.68 7.17
N THR B 33 -27.15 17.27 8.33
CA THR B 33 -26.38 18.43 8.76
C THR B 33 -25.30 18.10 9.79
N ILE B 34 -25.16 16.84 10.19
CA ILE B 34 -24.25 16.50 11.30
C ILE B 34 -23.99 14.99 11.59
N SER B 35 -22.73 14.64 11.84
CA SER B 35 -22.37 13.28 12.23
C SER B 35 -22.58 13.10 13.71
N ILE B 36 -22.83 11.86 14.14
CA ILE B 36 -23.09 11.57 15.53
C ILE B 36 -21.98 12.13 16.39
N PRO B 37 -20.73 11.67 16.19
CA PRO B 37 -19.61 12.22 17.00
C PRO B 37 -19.51 13.77 17.06
N GLU B 38 -19.99 14.47 16.03
CA GLU B 38 -20.10 15.93 16.06
C GLU B 38 -21.24 16.39 16.95
N PHE B 39 -22.32 15.61 16.90
CA PHE B 39 -23.52 15.90 17.68
C PHE B 39 -23.21 15.85 19.15
N ILE B 40 -22.53 14.78 19.53
CA ILE B 40 -22.11 14.62 20.89
C ILE B 40 -21.23 15.82 21.28
N GLU B 41 -20.34 16.23 20.38
CA GLU B 41 -19.33 17.22 20.69
C GLU B 41 -19.87 18.60 20.84
N LYS B 42 -20.96 18.90 20.16
CA LYS B 42 -21.55 20.25 20.18
C LYS B 42 -22.79 20.32 21.05
N TYR B 43 -23.15 19.24 21.74
CA TYR B 43 -24.28 19.26 22.69
C TYR B 43 -24.02 18.42 23.98
N LYS B 44 -22.77 18.00 24.17
CA LYS B 44 -22.34 17.29 25.39
C LYS B 44 -22.66 18.08 26.63
N ASP B 45 -22.75 19.41 26.48
CA ASP B 45 -22.83 20.33 27.63
C ASP B 45 -24.18 20.99 27.82
N LEU B 46 -25.26 20.27 27.55
CA LEU B 46 -26.62 20.76 27.84
C LEU B 46 -27.04 20.32 29.23
N GLY B 47 -27.94 21.07 29.83
CA GLY B 47 -28.47 20.70 31.12
C GLY B 47 -29.54 19.65 30.95
N ASN B 48 -29.58 18.71 31.89
CA ASN B 48 -30.62 17.68 31.91
C ASN B 48 -32.00 18.28 31.70
N GLY B 49 -32.68 17.80 30.66
CA GLY B 49 -34.04 18.24 30.37
C GLY B 49 -34.08 19.47 29.47
N GLU B 50 -32.92 19.98 29.08
CA GLU B 50 -32.90 21.17 28.23
C GLU B 50 -33.08 20.77 26.77
N HIS B 51 -34.08 21.33 26.12
CA HIS B 51 -34.27 21.17 24.68
C HIS B 51 -33.87 22.48 23.95
N LEU B 52 -33.31 22.32 22.76
CA LEU B 52 -33.03 23.47 21.88
C LEU B 52 -34.02 23.45 20.72
N GLU B 53 -35.30 23.57 21.05
CA GLU B 53 -36.35 23.27 20.08
C GLU B 53 -36.25 24.10 18.80
N ASP B 54 -35.59 25.25 18.84
CA ASP B 54 -35.48 26.11 17.64
C ASP B 54 -34.29 25.72 16.76
N THR B 55 -33.65 24.58 17.06
CA THR B 55 -32.59 24.00 16.24
C THR B 55 -33.11 22.75 15.55
N ILE B 56 -33.40 22.83 14.25
CA ILE B 56 -33.86 21.65 13.50
C ILE B 56 -32.63 21.05 12.85
N LEU B 57 -32.32 19.79 13.18
CA LEU B 57 -31.16 19.10 12.62
C LEU B 57 -31.60 17.85 11.86
N ASN B 58 -30.79 17.48 10.84
CA ASN B 58 -30.88 16.19 10.15
C ASN B 58 -29.75 15.25 10.45
N ILE B 59 -30.05 14.12 11.10
CA ILE B 59 -29.01 13.15 11.48
C ILE B 59 -29.30 11.72 10.97
N THR B 60 -28.24 10.91 10.84
CA THR B 60 -28.38 9.48 10.46
C THR B 60 -27.62 8.52 11.34
N GLY B 61 -28.21 7.36 11.60
CA GLY B 61 -27.49 6.23 12.20
C GLY B 61 -28.18 4.88 12.03
N ARG B 62 -27.72 3.91 12.79
CA ARG B 62 -28.28 2.57 12.73
C ARG B 62 -28.98 2.33 14.05
N ILE B 63 -30.20 1.83 13.97
CA ILE B 63 -30.95 1.57 15.16
C ILE B 63 -30.32 0.37 15.77
N MET B 64 -30.22 0.34 17.10
CA MET B 64 -29.63 -0.82 17.77
C MET B 64 -30.39 -1.32 19.00
N ARG B 65 -31.38 -0.56 19.48
CA ARG B 65 -32.18 -1.01 20.60
C ARG B 65 -33.54 -0.34 20.58
N VAL B 66 -34.60 -1.13 20.59
CA VAL B 66 -35.94 -0.59 20.81
C VAL B 66 -36.28 -0.77 22.30
N SER B 67 -36.88 0.26 22.90
CA SER B 67 -37.03 0.33 24.35
C SER B 67 -38.45 -0.02 24.76
N PHE B 76 -35.08 4.66 21.56
CA PHE B 76 -34.29 3.92 20.61
C PHE B 76 -32.79 4.33 20.72
N ASP B 77 -31.88 3.37 20.54
CA ASP B 77 -30.42 3.65 20.54
C ASP B 77 -29.89 3.77 19.12
N LEU B 78 -29.22 4.88 18.85
CA LEU B 78 -28.79 5.21 17.50
C LEU B 78 -27.28 5.29 17.49
N VAL B 79 -26.63 4.61 16.52
CA VAL B 79 -25.16 4.65 16.45
C VAL B 79 -24.56 4.94 15.09
N GLY B 80 -23.42 5.62 15.16
CA GLY B 80 -22.69 6.08 14.00
C GLY B 80 -21.23 6.35 14.35
N ASP B 81 -20.34 5.80 13.53
CA ASP B 81 -18.93 6.02 13.69
C ASP B 81 -18.44 5.69 15.11
N GLY B 82 -18.94 4.61 15.66
CA GLY B 82 -18.42 4.11 16.90
C GLY B 82 -19.04 4.72 18.11
N GLU B 83 -20.06 5.55 17.92
CA GLU B 83 -20.71 6.16 19.07
C GLU B 83 -22.21 6.03 19.09
N LYS B 84 -22.80 6.26 20.25
CA LYS B 84 -24.24 6.11 20.43
C LYS B 84 -24.85 7.41 21.00
N ILE B 85 -26.10 7.68 20.62
CA ILE B 85 -26.95 8.64 21.32
C ILE B 85 -28.32 8.00 21.44
N GLN B 86 -29.16 8.62 22.24
CA GLN B 86 -30.50 8.12 22.44
C GLN B 86 -31.41 8.83 21.42
N VAL B 87 -32.56 8.23 21.14
CA VAL B 87 -33.63 8.91 20.43
C VAL B 87 -34.86 8.86 21.35
N LEU B 88 -35.56 9.97 21.51
CA LEU B 88 -36.82 10.05 22.26
C LEU B 88 -37.91 10.57 21.30
N ALA B 89 -38.84 9.69 20.92
CA ALA B 89 -39.81 9.99 19.87
C ALA B 89 -41.13 10.27 20.52
N ASN B 90 -41.58 11.51 20.48
CA ASN B 90 -42.76 11.88 21.26
C ASN B 90 -43.95 12.24 20.37
N TYR B 91 -45.12 11.73 20.73
CA TYR B 91 -46.36 12.18 20.13
C TYR B 91 -46.37 13.71 20.18
N SER B 92 -45.82 14.27 21.27
CA SER B 92 -45.74 15.71 21.53
C SER B 92 -45.19 16.51 20.37
N PHE B 93 -44.23 15.93 19.67
CA PHE B 93 -43.48 16.68 18.65
C PHE B 93 -43.60 16.13 17.22
N HIS B 94 -44.22 14.96 17.07
CA HIS B 94 -44.27 14.23 15.79
C HIS B 94 -45.11 14.93 14.70
N ASN B 95 -44.49 15.22 13.56
CA ASN B 95 -45.19 15.90 12.45
C ASN B 95 -46.16 14.95 11.76
N HIS B 96 -47.44 15.08 12.10
CA HIS B 96 -48.45 14.15 11.65
C HIS B 96 -48.81 14.44 10.20
N ASN B 100 -49.49 8.49 10.76
CA ASN B 100 -49.68 8.16 12.16
C ASN B 100 -48.35 7.80 12.79
N PHE B 101 -48.12 8.35 13.97
CA PHE B 101 -46.93 8.13 14.81
C PHE B 101 -46.71 6.64 15.08
N ALA B 102 -47.69 5.96 15.67
CA ALA B 102 -47.53 4.55 16.02
C ALA B 102 -47.12 3.68 14.83
N GLU B 103 -47.77 3.94 13.69
CA GLU B 103 -47.57 3.15 12.48
C GLU B 103 -46.31 3.58 11.71
N CYS B 104 -45.73 4.73 12.05
CA CYS B 104 -44.44 5.17 11.46
CA CYS B 104 -44.45 5.19 11.46
C CYS B 104 -43.25 4.66 12.26
N TYR B 105 -43.51 4.18 13.50
CA TYR B 105 -42.43 3.68 14.40
C TYR B 105 -42.57 2.19 14.76
N ASP B 106 -43.79 1.67 14.78
CA ASP B 106 -43.99 0.21 14.80
C ASP B 106 -43.18 -0.46 13.67
N LYS B 107 -43.02 0.24 12.55
CA LYS B 107 -42.23 -0.23 11.41
C LYS B 107 -40.72 -0.46 11.71
N ILE B 108 -40.11 0.41 12.51
CA ILE B 108 -38.65 0.40 12.72
C ILE B 108 -38.16 -0.78 13.58
N ARG B 109 -37.33 -1.63 12.97
CA ARG B 109 -36.72 -2.78 13.65
C ARG B 109 -35.26 -2.47 14.03
N ARG B 110 -34.68 -3.33 14.87
CA ARG B 110 -33.28 -3.18 15.27
C ARG B 110 -32.38 -3.52 14.10
N GLY B 111 -31.36 -2.71 13.89
CA GLY B 111 -30.52 -2.86 12.72
C GLY B 111 -30.83 -1.81 11.67
N ASP B 112 -32.06 -1.33 11.63
CA ASP B 112 -32.43 -0.44 10.54
C ASP B 112 -31.64 0.83 10.59
N ILE B 113 -31.35 1.33 9.40
CA ILE B 113 -30.65 2.58 9.23
C ILE B 113 -31.73 3.59 9.04
N VAL B 114 -31.66 4.68 9.79
CA VAL B 114 -32.67 5.72 9.66
C VAL B 114 -32.07 7.07 9.45
N GLY B 115 -32.93 7.97 9.05
CA GLY B 115 -32.59 9.36 8.89
C GLY B 115 -33.61 10.13 9.69
N ILE B 116 -33.13 10.89 10.67
CA ILE B 116 -34.03 11.62 11.57
C ILE B 116 -33.95 13.11 11.36
N VAL B 117 -35.10 13.78 11.49
CA VAL B 117 -35.20 15.25 11.49
C VAL B 117 -35.66 15.71 12.87
N GLY B 118 -34.75 16.26 13.65
CA GLY B 118 -35.04 16.49 15.05
C GLY B 118 -34.29 17.64 15.69
N PHE B 119 -34.54 17.80 16.98
CA PHE B 119 -33.83 18.80 17.75
C PHE B 119 -33.09 18.16 18.88
N PRO B 120 -31.95 18.75 19.23
CA PRO B 120 -31.09 18.13 20.21
C PRO B 120 -31.51 18.50 21.61
N GLY B 121 -31.26 17.59 22.56
CA GLY B 121 -31.55 17.85 23.95
C GLY B 121 -31.24 16.72 24.90
N LYS B 122 -31.53 16.94 26.18
CA LYS B 122 -31.30 15.95 27.23
C LYS B 122 -32.58 15.51 27.90
N SER B 123 -32.62 14.24 28.27
CA SER B 123 -33.74 13.67 29.00
C SER B 123 -33.69 14.16 30.43
N LYS B 124 -34.85 14.14 31.11
CA LYS B 124 -34.90 14.42 32.54
C LYS B 124 -33.67 13.78 33.22
N LYS B 125 -33.44 12.51 32.92
CA LYS B 125 -32.33 11.74 33.49
C LYS B 125 -30.93 12.18 33.06
N GLY B 126 -30.82 13.09 32.09
CA GLY B 126 -29.50 13.57 31.64
C GLY B 126 -28.83 12.81 30.49
N GLU B 127 -29.61 11.97 29.81
CA GLU B 127 -29.16 11.25 28.62
C GLU B 127 -29.27 12.16 27.38
N LEU B 128 -28.17 12.33 26.66
CA LEU B 128 -28.15 13.18 25.46
C LEU B 128 -28.85 12.49 24.27
N SER B 129 -29.87 13.16 23.71
CA SER B 129 -30.75 12.56 22.70
C SER B 129 -31.13 13.52 21.57
N ILE B 130 -31.67 12.93 20.51
CA ILE B 130 -32.23 13.66 19.38
C ILE B 130 -33.74 13.50 19.55
N PHE B 131 -34.53 14.46 19.07
CA PHE B 131 -35.97 14.40 19.25
C PHE B 131 -36.64 14.52 17.89
N PRO B 132 -37.22 13.43 17.39
CA PRO B 132 -37.67 13.46 16.00
C PRO B 132 -39.07 14.04 15.77
N LYS B 133 -39.14 14.98 14.84
CA LYS B 133 -40.39 15.36 14.19
C LYS B 133 -40.70 14.38 13.07
N GLU B 134 -39.69 13.71 12.56
CA GLU B 134 -39.85 12.84 11.41
C GLU B 134 -38.67 11.86 11.30
N THR B 135 -38.99 10.60 10.97
CA THR B 135 -37.98 9.53 10.88
C THR B 135 -38.16 8.66 9.64
N ILE B 136 -37.19 8.71 8.75
CA ILE B 136 -37.27 8.04 7.47
C ILE B 136 -36.47 6.77 7.57
N LEU B 137 -36.95 5.75 6.85
CA LEU B 137 -36.22 4.50 6.72
C LEU B 137 -35.32 4.58 5.50
N LEU B 138 -34.03 4.47 5.76
CA LEU B 138 -33.03 4.72 4.72
C LEU B 138 -32.53 3.41 4.08
N SER B 139 -32.30 2.40 4.93
CA SER B 139 -31.86 1.12 4.49
C SER B 139 -32.19 0.14 5.58
N ALA B 140 -33.15 -0.72 5.31
CA ALA B 140 -33.60 -1.72 6.29
C ALA B 140 -32.56 -2.78 6.63
N CYS B 141 -32.59 -3.25 7.88
CA CYS B 141 -31.92 -4.48 8.25
C CYS B 141 -32.86 -5.69 8.25
N LEU B 142 -32.71 -6.52 7.21
CA LEU B 142 -33.59 -7.65 6.95
C LEU B 142 -33.43 -8.88 7.87
N HIS B 143 -32.26 -9.00 8.51
CA HIS B 143 -31.95 -10.13 9.39
C HIS B 143 -32.00 -9.70 10.86
N MET B 144 -32.17 -10.65 11.77
CA MET B 144 -32.12 -10.38 13.20
C MET B 144 -30.66 -10.26 13.58
N LEU B 145 -30.29 -9.26 14.37
CA LEU B 145 -28.88 -9.09 14.78
C LEU B 145 -28.56 -9.78 16.11
N PRO B 146 -27.30 -10.19 16.28
CA PRO B 146 -26.73 -10.69 17.53
C PRO B 146 -26.95 -9.78 18.73
N MET B 147 -27.27 -10.35 19.88
CA MET B 147 -27.44 -9.57 21.08
C MET B 147 -26.07 -9.16 21.59
N LYS B 148 -25.99 -7.97 22.20
CA LYS B 148 -24.74 -7.39 22.72
C LYS B 148 -24.09 -8.27 23.81
N TYR B 149 -22.90 -8.81 23.51
CA TYR B 149 -22.29 -9.92 24.27
C TYR B 149 -22.80 -11.29 23.76
N GLY B 150 -22.95 -11.39 22.43
CA GLY B 150 -23.39 -12.60 21.77
C GLY B 150 -22.57 -12.78 20.51
N LEU B 151 -21.24 -12.87 20.68
CA LEU B 151 -20.34 -12.97 19.55
C LEU B 151 -18.90 -13.33 19.99
N THR B 154 -17.11 -15.88 18.03
CA THR B 154 -17.15 -17.14 17.31
C THR B 154 -16.33 -17.08 15.98
N GLU B 155 -16.72 -17.93 15.04
CA GLU B 155 -16.16 -17.95 13.68
C GLU B 155 -16.87 -16.93 12.80
N ILE B 156 -18.02 -16.44 13.27
CA ILE B 156 -18.83 -15.49 12.52
C ILE B 156 -18.13 -14.14 12.44
N ARG B 157 -17.44 -13.74 13.51
CA ARG B 157 -16.65 -12.50 13.50
C ARG B 157 -15.79 -12.38 12.25
N TYR B 158 -15.05 -13.44 11.94
CA TYR B 158 -14.07 -13.39 10.85
C TYR B 158 -14.73 -13.44 9.49
N ARG B 159 -15.76 -14.27 9.34
CA ARG B 159 -16.43 -14.45 8.04
C ARG B 159 -17.20 -13.15 7.71
N GLN B 160 -18.02 -12.74 8.68
CA GLN B 160 -18.81 -11.55 8.59
C GLN B 160 -18.27 -10.54 9.59
N ARG B 161 -17.22 -9.84 9.19
CA ARG B 161 -16.64 -8.77 10.03
C ARG B 161 -17.62 -7.62 10.38
N TYR B 162 -18.44 -7.20 9.40
CA TYR B 162 -19.43 -6.16 9.62
C TYR B 162 -20.32 -6.40 10.80
N LEU B 163 -20.46 -7.63 11.23
CA LEU B 163 -21.18 -7.84 12.47
C LEU B 163 -20.26 -7.53 13.65
N ASP B 164 -19.01 -7.97 13.60
CA ASP B 164 -18.09 -7.67 14.69
C ASP B 164 -18.00 -6.14 14.90
N LEU B 165 -17.81 -5.42 13.80
CA LEU B 165 -17.60 -3.98 13.85
C LEU B 165 -18.82 -3.26 14.40
N LEU B 166 -20.01 -3.81 14.14
CA LEU B 166 -21.28 -3.22 14.57
C LEU B 166 -21.64 -3.46 16.03
N ILE B 167 -21.18 -4.56 16.61
CA ILE B 167 -21.62 -4.96 17.94
C ILE B 167 -20.54 -4.78 19.01
N ASN B 168 -19.32 -5.19 18.71
CA ASN B 168 -18.27 -5.32 19.73
C ASN B 168 -17.33 -4.12 19.69
N GLU B 169 -17.62 -3.13 20.54
CA GLU B 169 -16.87 -1.84 20.57
C GLU B 169 -15.34 -2.00 20.54
N SER B 170 -14.83 -3.18 20.94
CA SER B 170 -13.40 -3.50 20.84
C SER B 170 -12.94 -3.72 19.40
N SER B 171 -13.78 -4.34 18.60
CA SER B 171 -13.39 -4.64 17.24
C SER B 171 -12.98 -3.39 16.49
N ARG B 172 -13.86 -2.40 16.49
CA ARG B 172 -13.58 -1.14 15.85
C ARG B 172 -12.28 -0.56 16.34
N HIS B 173 -12.11 -0.53 17.65
CA HIS B 173 -10.86 -0.10 18.24
C HIS B 173 -9.66 -0.86 17.62
N THR B 174 -9.70 -2.19 17.71
CA THR B 174 -8.65 -3.02 17.14
C THR B 174 -8.25 -2.52 15.77
N PHE B 175 -9.17 -2.37 14.84
CA PHE B 175 -8.76 -1.97 13.49
C PHE B 175 -8.39 -0.50 13.31
N VAL B 176 -9.01 0.38 14.09
CA VAL B 176 -8.57 1.76 14.13
C VAL B 176 -7.14 1.86 14.58
N THR B 177 -6.76 0.95 15.47
CA THR B 177 -5.38 0.87 15.93
C THR B 177 -4.49 0.39 14.80
N ARG B 178 -4.99 -0.47 13.95
CA ARG B 178 -4.09 -1.03 12.98
C ARG B 178 -3.72 0.13 12.06
N THR B 179 -4.74 0.76 11.50
CA THR B 179 -4.53 1.92 10.63
C THR B 179 -3.71 3.09 11.25
N LYS B 180 -3.86 3.32 12.54
CA LYS B 180 -2.94 4.22 13.24
C LYS B 180 -1.48 3.82 13.06
N ILE B 181 -1.17 2.60 13.48
CA ILE B 181 0.19 2.06 13.46
C ILE B 181 0.79 2.22 12.09
N ILE B 182 0.05 1.81 11.09
CA ILE B 182 0.55 1.97 9.77
C ILE B 182 0.86 3.40 9.40
N ASN B 183 -0.03 4.32 9.79
CA ASN B 183 0.22 5.70 9.50
C ASN B 183 1.39 6.22 10.33
N PHE B 184 1.46 5.84 11.59
CA PHE B 184 2.56 6.28 12.39
C PHE B 184 3.85 5.95 11.69
N LEU B 185 3.97 4.70 11.22
CA LEU B 185 5.15 4.21 10.53
C LEU B 185 5.42 4.90 9.22
N ARG B 186 4.37 5.11 8.43
CA ARG B 186 4.59 5.87 7.22
C ARG B 186 5.16 7.31 7.53
N ASN B 187 4.61 7.98 8.54
CA ASN B 187 5.12 9.28 8.90
C ASN B 187 6.52 9.17 9.54
N PHE B 188 6.73 8.19 10.40
CA PHE B 188 8.08 7.83 10.88
C PHE B 188 9.16 7.74 9.81
N LEU B 189 8.84 7.00 8.74
CA LEU B 189 9.79 6.78 7.64
C LEU B 189 9.91 7.99 6.72
N ASN B 190 8.79 8.61 6.37
CA ASN B 190 8.84 9.72 5.46
C ASN B 190 9.61 10.83 6.10
N GLU B 191 9.47 10.94 7.43
CA GLU B 191 10.12 12.01 8.18
C GLU B 191 11.58 11.92 7.95
N ARG B 192 12.07 10.70 8.06
CA ARG B 192 13.49 10.45 7.97
C ARG B 192 14.01 10.43 6.54
N GLY B 193 13.15 10.76 5.60
CA GLY B 193 13.55 10.95 4.22
C GLY B 193 13.32 9.76 3.31
N PHE B 194 12.64 8.76 3.79
CA PHE B 194 12.45 7.62 2.92
C PHE B 194 11.41 7.93 1.84
N PHE B 195 11.39 7.06 0.83
CA PHE B 195 10.68 7.31 -0.40
C PHE B 195 9.84 6.13 -0.79
N GLU B 196 8.55 6.10 -0.43
CA GLU B 196 7.67 4.94 -0.73
CA GLU B 196 7.69 4.95 -0.73
C GLU B 196 7.61 4.59 -2.22
N VAL B 197 7.73 3.29 -2.54
CA VAL B 197 7.56 2.78 -3.89
C VAL B 197 6.69 1.56 -3.87
N GLU B 198 6.26 1.14 -5.06
CA GLU B 198 5.58 -0.13 -5.26
C GLU B 198 6.40 -0.96 -6.21
N THR B 199 6.64 -2.20 -5.81
CA THR B 199 7.32 -3.18 -6.64
C THR B 199 6.30 -4.23 -7.12
N PRO B 200 6.74 -5.24 -7.91
CA PRO B 200 5.77 -6.18 -8.44
C PRO B 200 5.37 -7.24 -7.45
N MET B 201 4.08 -7.54 -7.49
CA MET B 201 3.45 -8.63 -6.75
C MET B 201 3.77 -9.99 -7.37
N MET B 202 4.00 -9.99 -8.68
CA MET B 202 4.32 -11.19 -9.43
C MET B 202 5.60 -11.09 -10.16
N ASN B 203 6.48 -12.04 -9.86
CA ASN B 203 7.82 -12.15 -10.43
C ASN B 203 7.99 -13.46 -11.19
N LEU B 204 9.08 -13.58 -11.91
CA LEU B 204 9.35 -14.80 -12.63
C LEU B 204 9.85 -15.79 -11.61
N ILE B 205 10.71 -15.36 -10.71
CA ILE B 205 11.22 -16.23 -9.67
C ILE B 205 11.03 -15.57 -8.32
N ALA B 206 10.46 -16.28 -7.37
CA ALA B 206 10.25 -15.70 -6.06
C ALA B 206 11.55 -15.25 -5.42
N ALA B 209 13.05 -14.09 1.41
CA ALA B 209 13.05 -15.24 2.41
C ALA B 209 13.09 -16.74 1.87
N ASN B 210 12.97 -17.78 2.73
CA ASN B 210 12.99 -19.23 2.23
C ASN B 210 11.66 -20.02 2.31
N ALA B 211 10.73 -19.73 1.40
CA ALA B 211 9.30 -20.05 1.60
C ALA B 211 8.61 -20.54 0.32
N ARG B 212 7.63 -21.44 0.45
CA ARG B 212 6.96 -21.98 -0.72
C ARG B 212 6.01 -20.97 -1.33
N PRO B 213 6.04 -20.80 -2.67
CA PRO B 213 5.25 -19.67 -3.23
C PRO B 213 3.86 -20.01 -3.76
N PHE B 214 3.02 -18.95 -3.83
CA PHE B 214 1.75 -19.01 -4.60
C PHE B 214 2.07 -18.79 -6.08
N ILE B 215 1.59 -19.70 -6.93
CA ILE B 215 1.91 -19.67 -8.37
C ILE B 215 0.67 -19.54 -9.23
N THR B 216 0.69 -18.57 -10.13
CA THR B 216 -0.45 -18.24 -10.96
C THR B 216 0.00 -18.03 -12.39
N HIS B 217 -0.93 -18.01 -13.35
CA HIS B 217 -0.59 -17.94 -14.78
C HIS B 217 -1.06 -16.61 -15.36
N HIS B 218 -0.26 -15.98 -16.22
CA HIS B 218 -0.78 -14.87 -17.02
C HIS B 218 -1.24 -15.42 -18.34
N ASN B 219 -2.49 -15.18 -18.65
CA ASN B 219 -3.07 -15.55 -19.91
C ASN B 219 -2.39 -14.97 -21.16
N ASP B 220 -2.54 -13.68 -21.43
CA ASP B 220 -2.00 -13.10 -22.68
C ASP B 220 -0.48 -12.78 -22.63
N LEU B 221 0.23 -13.39 -21.67
CA LEU B 221 1.71 -13.55 -21.71
C LEU B 221 2.13 -15.05 -21.90
N ASP B 222 1.20 -15.99 -21.68
CA ASP B 222 1.43 -17.45 -21.75
C ASP B 222 2.62 -17.82 -20.87
N LEU B 223 2.46 -17.61 -19.56
CA LEU B 223 3.61 -17.76 -18.65
C LEU B 223 3.20 -17.94 -17.18
N ASP B 224 3.85 -18.86 -16.46
CA ASP B 224 3.48 -19.13 -15.04
C ASP B 224 4.34 -18.28 -14.03
N LEU B 225 3.75 -17.25 -13.43
CA LEU B 225 4.46 -16.31 -12.56
C LEU B 225 4.30 -16.62 -11.07
N TYR B 226 5.03 -15.90 -10.22
CA TYR B 226 5.06 -16.21 -8.79
C TYR B 226 4.74 -14.99 -7.93
N LEU B 227 3.68 -15.10 -7.12
CA LEU B 227 3.40 -14.16 -6.06
C LEU B 227 4.58 -14.04 -5.11
N ARG B 228 5.24 -12.89 -5.17
CA ARG B 228 6.28 -12.48 -4.22
C ARG B 228 6.11 -13.01 -2.80
N ILE B 229 7.19 -13.59 -2.30
CA ILE B 229 7.24 -14.03 -0.91
C ILE B 229 7.79 -12.90 -0.08
N ALA B 230 8.30 -11.85 -0.73
CA ALA B 230 8.82 -10.66 -0.01
C ALA B 230 9.21 -9.52 -0.91
N THR B 231 9.51 -8.37 -0.32
CA THR B 231 9.83 -7.17 -1.10
C THR B 231 11.30 -6.85 -1.18
N GLU B 232 12.15 -7.71 -0.63
CA GLU B 232 13.59 -7.42 -0.50
C GLU B 232 14.30 -7.13 -1.84
N LEU B 233 14.08 -7.92 -2.84
CA LEU B 233 15.02 -7.81 -3.93
C LEU B 233 14.87 -6.55 -4.77
N PRO B 234 13.66 -6.24 -5.14
CA PRO B 234 13.59 -5.15 -6.04
C PRO B 234 14.07 -3.87 -5.32
N LEU B 235 13.67 -3.70 -4.06
CA LEU B 235 14.11 -2.53 -3.30
C LEU B 235 15.64 -2.38 -3.41
N LYS B 236 16.37 -3.50 -3.28
CA LYS B 236 17.83 -3.41 -3.39
C LYS B 236 18.23 -2.98 -4.79
N MET B 237 17.62 -3.59 -5.77
CA MET B 237 17.82 -3.09 -7.10
C MET B 237 17.53 -1.62 -7.22
N LEU B 238 16.68 -1.05 -6.36
CA LEU B 238 16.39 0.42 -6.43
C LEU B 238 17.46 1.25 -5.72
N ILE B 239 18.03 0.68 -4.66
CA ILE B 239 19.15 1.32 -3.96
C ILE B 239 20.23 1.58 -4.98
N VAL B 240 20.43 0.57 -5.81
CA VAL B 240 21.32 0.66 -6.97
C VAL B 240 20.82 1.76 -7.92
N GLY B 241 19.52 1.90 -8.02
CA GLY B 241 18.97 2.96 -8.83
C GLY B 241 19.28 4.37 -8.32
N GLY B 242 19.66 4.44 -7.05
CA GLY B 242 20.03 5.71 -6.48
C GLY B 242 18.89 6.36 -5.71
N ILE B 243 17.94 5.54 -5.29
CA ILE B 243 17.00 5.93 -4.29
C ILE B 243 17.58 5.42 -2.99
N ASP B 244 18.35 6.24 -2.32
CA ASP B 244 19.12 5.76 -1.15
C ASP B 244 18.26 5.32 0.07
N LYS B 245 17.03 5.84 0.17
CA LYS B 245 16.12 5.51 1.27
C LYS B 245 14.77 5.20 0.66
N VAL B 246 14.42 3.91 0.70
CA VAL B 246 13.30 3.43 -0.07
C VAL B 246 12.52 2.47 0.79
N TYR B 247 11.19 2.54 0.74
CA TYR B 247 10.42 1.57 1.48
C TYR B 247 9.19 1.21 0.76
N GLU B 248 8.60 0.10 1.19
CA GLU B 248 7.33 -0.33 0.68
C GLU B 248 6.56 -1.04 1.81
N ILE B 249 5.27 -0.66 1.97
CA ILE B 249 4.32 -1.34 2.86
C ILE B 249 3.32 -2.12 2.01
N GLY B 250 2.99 -3.34 2.38
CA GLY B 250 2.18 -4.12 1.45
C GLY B 250 2.25 -5.66 1.47
N LYS B 251 1.33 -6.28 0.73
CA LYS B 251 1.03 -7.66 0.99
C LYS B 251 2.04 -8.57 0.36
N VAL B 252 2.36 -9.59 1.13
CA VAL B 252 3.30 -10.62 0.70
C VAL B 252 2.71 -12.05 0.90
N PHE B 253 3.02 -12.95 0.00
CA PHE B 253 2.28 -14.25 -0.03
C PHE B 253 3.14 -15.53 0.13
N ARG B 254 2.89 -16.26 1.20
CA ARG B 254 3.70 -17.36 1.59
C ARG B 254 2.90 -18.76 1.69
N ASN B 255 3.14 -19.65 0.74
CA ASN B 255 2.41 -20.96 0.71
C ASN B 255 2.87 -21.99 1.76
N GLU B 256 2.10 -22.04 2.85
CA GLU B 256 2.62 -22.45 4.13
C GLU B 256 1.49 -22.42 5.19
N GLY B 257 1.86 -22.61 6.46
CA GLY B 257 0.90 -23.06 7.45
C GLY B 257 0.11 -21.93 7.95
N ILE B 258 -1.15 -22.17 8.29
CA ILE B 258 -1.98 -21.16 8.99
C ILE B 258 -2.05 -21.47 10.47
N ASP B 259 -1.87 -20.47 11.31
CA ASP B 259 -2.11 -20.62 12.75
C ASP B 259 -2.16 -19.25 13.36
N ASN B 260 -2.15 -19.18 14.68
CA ASN B 260 -2.33 -17.94 15.38
C ASN B 260 -1.43 -16.81 14.95
N THR B 261 -0.29 -17.13 14.36
CA THR B 261 0.68 -16.09 14.00
C THR B 261 1.15 -16.24 12.58
N HIS B 262 0.21 -16.65 11.72
CA HIS B 262 0.52 -17.08 10.36
C HIS B 262 -0.65 -16.96 9.42
N ASN B 263 -0.50 -16.13 8.41
CA ASN B 263 -1.47 -16.12 7.35
C ASN B 263 -0.78 -16.14 5.98
N PRO B 264 -1.19 -17.04 5.07
CA PRO B 264 -0.67 -17.15 3.72
C PRO B 264 -0.36 -15.83 3.02
N GLU B 265 -1.27 -14.84 3.11
CA GLU B 265 -0.98 -13.42 2.74
C GLU B 265 -0.97 -12.55 4.00
N PHE B 266 0.03 -11.68 4.10
CA PHE B 266 0.14 -10.76 5.23
C PHE B 266 0.91 -9.46 4.89
N THR B 267 0.65 -8.40 5.66
CA THR B 267 1.26 -7.12 5.35
C THR B 267 2.67 -7.06 5.92
N SER B 268 3.58 -6.53 5.11
CA SER B 268 4.93 -6.31 5.53
C SER B 268 5.37 -4.94 5.11
N CYS B 269 6.33 -4.45 5.87
CA CYS B 269 7.05 -3.28 5.51
C CYS B 269 8.52 -3.56 5.47
N GLU B 270 9.17 -3.19 4.38
CA GLU B 270 10.60 -3.31 4.28
C GLU B 270 11.10 -1.96 3.83
N PHE B 271 12.08 -1.42 4.57
CA PHE B 271 12.80 -0.29 4.08
C PHE B 271 14.22 -0.62 3.91
N TYR B 272 14.89 0.10 3.02
CA TYR B 272 16.31 -0.10 2.75
C TYR B 272 17.03 1.20 2.75
N TRP B 273 18.02 1.30 3.62
CA TRP B 273 18.70 2.51 3.97
C TRP B 273 20.18 2.53 3.59
N ALA B 274 20.50 3.14 2.46
CA ALA B 274 21.86 3.18 1.94
C ALA B 274 22.77 3.87 2.94
N TYR B 275 23.99 3.39 3.05
CA TYR B 275 25.01 3.90 3.96
C TYR B 275 24.72 3.70 5.45
N ALA B 276 23.85 2.78 5.77
CA ALA B 276 23.58 2.49 7.16
C ALA B 276 24.04 1.09 7.53
N ASP B 277 24.70 0.98 8.66
CA ASP B 277 25.20 -0.28 9.20
C ASP B 277 24.15 -1.00 9.96
N TYR B 278 24.50 -2.15 10.45
CA TYR B 278 23.60 -2.94 11.24
C TYR B 278 23.22 -2.24 12.52
N ASN B 279 24.14 -1.53 13.15
CA ASN B 279 23.83 -0.82 14.37
C ASN B 279 22.79 0.26 14.17
N ASP B 280 22.89 1.00 13.09
CA ASP B 280 21.87 2.01 12.80
C ASP B 280 20.46 1.43 12.93
N LEU B 281 20.28 0.19 12.46
CA LEU B 281 18.97 -0.47 12.43
C LEU B 281 18.52 -0.84 13.82
N ILE B 282 19.46 -1.02 14.72
CA ILE B 282 19.08 -1.28 16.09
C ILE B 282 18.57 0.03 16.69
N LYS B 283 19.36 1.08 16.52
CA LYS B 283 18.92 2.36 16.94
C LYS B 283 17.55 2.63 16.34
N TRP B 284 17.42 2.35 15.04
CA TRP B 284 16.16 2.55 14.40
C TRP B 284 15.05 1.82 15.12
N SER B 285 15.23 0.54 15.35
CA SER B 285 14.13 -0.28 15.82
C SER B 285 13.72 0.13 17.21
N GLU B 286 14.71 0.34 18.08
CA GLU B 286 14.45 0.77 19.47
C GLU B 286 13.68 2.11 19.55
N ASP B 287 14.09 3.06 18.71
CA ASP B 287 13.33 4.25 18.45
C ASP B 287 11.93 3.91 18.00
N PHE B 288 11.81 3.33 16.82
CA PHE B 288 10.50 3.18 16.26
C PHE B 288 9.53 2.43 17.14
N PHE B 289 9.97 1.41 17.84
CA PHE B 289 9.02 0.69 18.64
C PHE B 289 8.53 1.50 19.82
N SER B 290 9.48 1.97 20.62
CA SER B 290 9.17 2.78 21.78
C SER B 290 8.21 3.92 21.46
N GLN B 291 8.47 4.59 20.33
CA GLN B 291 7.72 5.79 19.98
CA GLN B 291 7.74 5.78 20.01
C GLN B 291 6.32 5.43 19.58
N LEU B 292 6.17 4.39 18.77
CA LEU B 292 4.85 3.89 18.45
C LEU B 292 4.09 3.54 19.72
N VAL B 293 4.74 2.81 20.61
CA VAL B 293 4.07 2.38 21.83
C VAL B 293 3.72 3.60 22.65
N TYR B 294 4.62 4.56 22.74
CA TYR B 294 4.31 5.76 23.50
C TYR B 294 3.18 6.54 22.82
N HIS B 295 3.29 6.68 21.52
CA HIS B 295 2.27 7.31 20.72
C HIS B 295 0.87 6.74 20.97
N LEU B 296 0.73 5.42 21.09
CA LEU B 296 -0.60 4.80 21.15
C LEU B 296 -1.19 4.66 22.54
N PHE B 297 -0.36 4.76 23.57
CA PHE B 297 -0.78 4.49 24.98
C PHE B 297 -0.23 5.48 25.97
N GLY B 298 0.60 6.42 25.52
CA GLY B 298 1.16 7.41 26.44
C GLY B 298 2.18 6.90 27.43
N THR B 299 2.32 5.59 27.52
CA THR B 299 3.30 4.99 28.41
C THR B 299 4.10 3.99 27.61
N TYR B 300 5.30 3.67 28.05
CA TYR B 300 6.10 2.71 27.30
C TYR B 300 5.60 1.30 27.58
N LYS B 301 5.15 1.05 28.80
CA LYS B 301 4.62 -0.25 29.21
C LYS B 301 3.19 -0.51 28.71
N ILE B 302 2.91 -1.77 28.35
CA ILE B 302 1.61 -2.27 27.87
C ILE B 302 1.26 -3.52 28.68
N SER B 303 0.01 -3.97 28.62
CA SER B 303 -0.42 -5.21 29.23
C SER B 303 -0.78 -6.08 28.05
N TYR B 304 -0.56 -7.39 28.19
CA TYR B 304 -0.82 -8.34 27.09
C TYR B 304 -1.18 -9.72 27.63
N ASN B 305 -2.42 -10.15 27.38
CA ASN B 305 -2.87 -11.48 27.80
C ASN B 305 -2.26 -12.52 26.89
N LYS B 306 -1.04 -12.94 27.24
CA LYS B 306 -0.26 -13.94 26.48
C LYS B 306 -1.05 -15.22 26.37
N ASP B 307 -1.55 -15.69 27.51
CA ASP B 307 -2.16 -17.00 27.61
C ASP B 307 -3.66 -16.95 27.38
N GLY B 308 -4.15 -15.86 26.81
CA GLY B 308 -5.56 -15.71 26.56
C GLY B 308 -6.24 -14.91 27.66
N PRO B 309 -7.42 -14.38 27.36
CA PRO B 309 -8.16 -13.41 28.20
C PRO B 309 -8.79 -13.99 29.47
N GLU B 310 -8.83 -15.32 29.57
CA GLU B 310 -9.23 -16.02 30.79
C GLU B 310 -8.08 -16.06 31.78
N ASN B 311 -6.89 -15.69 31.32
CA ASN B 311 -5.69 -15.73 32.14
C ASN B 311 -5.03 -14.37 32.32
N GLN B 312 -4.43 -14.20 33.50
CA GLN B 312 -3.74 -12.97 33.89
C GLN B 312 -2.84 -12.43 32.80
N PRO B 313 -2.84 -11.10 32.61
CA PRO B 313 -2.00 -10.52 31.58
C PRO B 313 -0.56 -10.42 32.06
N ILE B 314 0.34 -10.15 31.13
CA ILE B 314 1.70 -9.79 31.49
C ILE B 314 1.93 -8.37 31.03
N GLU B 315 3.01 -7.76 31.53
CA GLU B 315 3.35 -6.41 31.19
C GLU B 315 4.59 -6.43 30.34
N ILE B 316 4.53 -5.81 29.17
CA ILE B 316 5.68 -5.75 28.25
C ILE B 316 6.23 -4.34 28.22
N ASP B 317 7.53 -4.20 28.43
CA ASP B 317 8.14 -2.89 28.66
C ASP B 317 9.02 -2.44 27.50
N PHE B 318 8.57 -1.43 26.75
CA PHE B 318 9.29 -0.99 25.53
C PHE B 318 10.32 0.14 25.70
N THR B 319 10.86 0.27 26.91
CA THR B 319 11.80 1.32 27.14
C THR B 319 13.19 0.92 26.66
N PRO B 320 13.75 1.67 25.70
CA PRO B 320 15.08 1.29 25.23
C PRO B 320 16.15 1.52 26.26
N PRO B 321 17.26 0.78 26.12
CA PRO B 321 17.48 -0.15 25.01
C PRO B 321 16.88 -1.52 25.30
N TYR B 322 16.79 -2.33 24.25
CA TYR B 322 16.36 -3.71 24.41
C TYR B 322 17.58 -4.62 24.41
N PRO B 323 17.47 -5.82 24.99
CA PRO B 323 18.62 -6.71 25.05
C PRO B 323 19.03 -7.24 23.69
N LYS B 324 20.28 -7.68 23.56
CA LYS B 324 20.72 -8.33 22.35
C LYS B 324 21.37 -9.67 22.68
N VAL B 325 20.93 -10.75 22.03
CA VAL B 325 21.41 -12.08 22.35
C VAL B 325 22.08 -12.70 21.13
N SER B 326 23.29 -13.22 21.32
CA SER B 326 24.04 -13.86 20.24
C SER B 326 23.61 -15.31 20.06
N ILE B 327 22.90 -15.59 18.99
CA ILE B 327 22.20 -16.86 18.86
C ILE B 327 23.06 -18.07 19.17
N VAL B 328 24.23 -18.14 18.53
CA VAL B 328 25.09 -19.29 18.70
C VAL B 328 25.57 -19.34 20.12
N GLU B 329 26.13 -18.25 20.60
CA GLU B 329 26.65 -18.17 21.96
C GLU B 329 25.63 -18.52 23.02
N GLU B 330 24.36 -18.33 22.72
CA GLU B 330 23.33 -18.69 23.69
C GLU B 330 23.06 -20.19 23.69
N ILE B 331 22.68 -20.72 22.54
CA ILE B 331 22.48 -22.15 22.40
C ILE B 331 23.67 -22.89 22.99
N GLU B 332 24.89 -22.43 22.64
CA GLU B 332 26.12 -22.96 23.23
C GLU B 332 26.02 -22.88 24.76
N LYS B 333 25.85 -21.65 25.26
CA LYS B 333 25.79 -21.43 26.70
C LYS B 333 24.74 -22.31 27.37
N VAL B 334 23.54 -22.32 26.80
CA VAL B 334 22.40 -23.00 27.40
C VAL B 334 22.42 -24.52 27.29
N THR B 335 23.29 -25.09 26.47
CA THR B 335 23.28 -26.54 26.27
C THR B 335 24.56 -27.19 26.79
N ASN B 336 25.37 -26.45 27.53
CA ASN B 336 26.68 -26.95 27.97
C ASN B 336 27.51 -27.48 26.80
N THR B 337 27.33 -26.86 25.62
CA THR B 337 27.82 -27.40 24.35
C THR B 337 28.65 -26.40 23.56
N ILE B 338 29.65 -26.89 22.86
CA ILE B 338 30.36 -26.10 21.86
C ILE B 338 29.81 -26.53 20.49
N LEU B 339 29.55 -25.56 19.63
CA LEU B 339 29.14 -25.83 18.27
C LEU B 339 30.20 -25.37 17.29
N GLU B 340 31.19 -26.25 17.06
CA GLU B 340 32.34 -25.96 16.20
C GLU B 340 31.93 -25.68 14.75
N GLN B 341 32.59 -24.69 14.11
CA GLN B 341 32.36 -24.37 12.71
C GLN B 341 33.16 -25.35 11.84
N PRO B 342 32.80 -25.48 10.55
CA PRO B 342 31.55 -24.96 9.99
C PRO B 342 30.36 -25.77 10.54
N PHE B 343 29.19 -25.14 10.50
CA PHE B 343 28.03 -25.71 11.16
C PHE B 343 27.48 -26.94 10.43
N ASP B 344 27.59 -26.89 9.10
CA ASP B 344 27.15 -27.95 8.21
C ASP B 344 28.19 -29.09 8.12
N SER B 345 29.34 -28.91 8.77
CA SER B 345 30.23 -30.05 8.96
C SER B 345 29.45 -31.27 9.46
N ASN B 346 30.00 -32.45 9.21
CA ASN B 346 29.40 -33.69 9.69
C ASN B 346 29.31 -33.75 11.20
N GLU B 347 30.47 -33.72 11.87
CA GLU B 347 30.57 -33.80 13.34
C GLU B 347 29.51 -32.98 14.12
N THR B 348 29.28 -31.73 13.65
CA THR B 348 28.45 -30.75 14.35
C THR B 348 26.91 -30.96 14.14
N ILE B 349 26.51 -31.31 12.93
CA ILE B 349 25.09 -31.55 12.66
C ILE B 349 24.56 -32.60 13.59
N GLU B 350 25.34 -33.67 13.74
CA GLU B 350 25.03 -34.77 14.63
C GLU B 350 24.87 -34.27 16.07
N LYS B 351 25.85 -33.47 16.46
CA LYS B 351 25.86 -32.79 17.75
C LYS B 351 24.60 -31.95 17.97
N MET B 352 24.07 -31.37 16.90
CA MET B 352 22.79 -30.69 17.02
C MET B 352 21.59 -31.63 17.04
N ILE B 353 21.57 -32.65 16.18
CA ILE B 353 20.44 -33.61 16.20
C ILE B 353 20.38 -34.35 17.53
N ASN B 354 21.55 -34.80 17.99
CA ASN B 354 21.69 -35.29 19.36
C ASN B 354 21.00 -34.40 20.39
N ILE B 355 21.22 -33.09 20.28
CA ILE B 355 20.63 -32.13 21.21
C ILE B 355 19.11 -32.09 21.07
N ILE B 356 18.64 -32.04 19.83
CA ILE B 356 17.19 -31.86 19.54
C ILE B 356 16.39 -32.99 20.15
N LYS B 357 16.75 -34.22 19.82
CA LYS B 357 16.08 -35.39 20.34
C LYS B 357 16.16 -35.43 21.88
N GLU B 358 17.38 -35.25 22.39
CA GLU B 358 17.67 -35.41 23.83
C GLU B 358 16.99 -34.36 24.72
N HIS B 359 16.51 -33.27 24.11
CA HIS B 359 15.62 -32.32 24.80
C HIS B 359 14.17 -32.48 24.28
N LYS B 360 13.82 -33.70 23.83
CA LYS B 360 12.46 -34.09 23.36
C LYS B 360 11.78 -33.22 22.28
N ILE B 361 12.55 -32.56 21.41
CA ILE B 361 11.99 -31.59 20.41
C ILE B 361 11.90 -32.18 18.97
N GLU B 362 10.97 -31.64 18.18
CA GLU B 362 10.68 -32.13 16.81
C GLU B 362 11.81 -31.86 15.82
N LEU B 363 12.44 -32.93 15.35
CA LEU B 363 13.40 -32.88 14.24
C LEU B 363 12.74 -32.47 12.92
N PRO B 364 13.39 -31.58 12.13
CA PRO B 364 12.89 -31.36 10.77
C PRO B 364 13.65 -32.17 9.69
N ASN B 365 12.95 -32.45 8.58
CA ASN B 365 13.52 -33.02 7.35
C ASN B 365 13.28 -32.09 6.14
N PRO B 366 14.33 -31.70 5.41
CA PRO B 366 15.73 -32.11 5.62
C PRO B 366 16.35 -31.64 6.93
N PRO B 367 17.32 -32.43 7.45
CA PRO B 367 18.14 -31.98 8.55
C PRO B 367 19.36 -31.26 8.00
N THR B 368 19.14 -29.99 7.60
CA THR B 368 20.22 -29.09 7.23
C THR B 368 20.54 -28.30 8.46
N ALA B 369 21.83 -28.05 8.65
CA ALA B 369 22.31 -27.25 9.76
C ALA B 369 21.59 -25.92 9.91
N ALA B 370 21.18 -25.34 8.79
CA ALA B 370 20.42 -24.06 8.84
C ALA B 370 19.12 -24.22 9.61
N LYS B 371 18.35 -25.23 9.23
CA LYS B 371 17.09 -25.52 9.90
C LYS B 371 17.28 -26.05 11.32
N LEU B 372 18.40 -26.73 11.56
CA LEU B 372 18.64 -27.34 12.87
C LEU B 372 18.88 -26.26 13.89
N LEU B 373 19.63 -25.24 13.48
CA LEU B 373 19.78 -24.03 14.29
C LEU B 373 18.45 -23.40 14.63
N ASP B 374 17.66 -23.13 13.60
CA ASP B 374 16.43 -22.41 13.78
C ASP B 374 15.55 -23.04 14.84
N GLN B 375 15.39 -24.33 14.74
CA GLN B 375 14.58 -25.05 15.68
C GLN B 375 15.14 -24.82 17.10
N LEU B 376 16.45 -25.04 17.26
CA LEU B 376 17.12 -25.00 18.56
C LEU B 376 16.98 -23.66 19.17
N ALA B 377 17.15 -22.66 18.33
CA ALA B 377 16.82 -21.27 18.69
C ALA B 377 15.40 -21.15 19.21
N SER B 378 14.45 -21.55 18.37
CA SER B 378 13.04 -21.36 18.70
C SER B 378 12.62 -22.09 19.96
N HIS B 379 13.42 -23.03 20.42
CA HIS B 379 13.10 -23.68 21.67
C HIS B 379 13.73 -22.95 22.85
N PHE B 380 15.05 -22.86 22.88
CA PHE B 380 15.72 -22.29 24.04
C PHE B 380 15.59 -20.75 24.14
N ILE B 381 15.94 -20.05 23.07
CA ILE B 381 16.23 -18.62 23.17
C ILE B 381 14.98 -17.74 23.03
N GLU B 382 14.13 -18.10 22.10
CA GLU B 382 13.06 -17.22 21.69
C GLU B 382 12.15 -16.76 22.83
N ASN B 383 11.98 -17.57 23.87
CA ASN B 383 11.22 -17.14 25.06
C ASN B 383 12.09 -16.85 26.26
N LYS B 384 13.22 -16.19 26.01
CA LYS B 384 14.09 -15.75 27.10
C LYS B 384 13.50 -14.54 27.85
N TYR B 385 12.93 -13.60 27.10
CA TYR B 385 12.19 -12.47 27.68
C TYR B 385 10.82 -12.35 27.04
N ASN B 386 9.80 -12.37 27.88
CA ASN B 386 8.45 -11.97 27.44
C ASN B 386 8.16 -10.53 27.90
N ASP B 387 8.56 -10.25 29.15
CA ASP B 387 8.42 -8.94 29.78
C ASP B 387 9.12 -7.77 29.08
N LYS B 388 10.02 -8.05 28.13
CA LYS B 388 10.57 -7.01 27.25
C LYS B 388 10.66 -7.53 25.79
N PRO B 389 10.79 -6.63 24.82
CA PRO B 389 11.18 -7.07 23.48
C PRO B 389 12.65 -7.21 23.52
N PHE B 390 13.22 -8.06 22.68
CA PHE B 390 14.67 -8.19 22.64
C PHE B 390 15.14 -8.72 21.31
N PHE B 391 16.44 -8.59 21.07
CA PHE B 391 17.01 -8.88 19.79
C PHE B 391 17.83 -10.11 19.85
N ILE B 392 17.87 -10.83 18.71
CA ILE B 392 18.62 -12.07 18.59
C ILE B 392 19.46 -11.89 17.36
N VAL B 393 20.73 -11.62 17.59
CA VAL B 393 21.64 -11.02 16.62
C VAL B 393 22.79 -11.96 16.28
N GLU B 394 23.44 -11.65 15.17
CA GLU B 394 24.59 -12.36 14.62
C GLU B 394 24.41 -13.81 14.15
N HIS B 395 23.35 -14.07 13.41
CA HIS B 395 23.03 -15.36 12.91
C HIS B 395 24.14 -15.82 12.00
N PRO B 396 24.30 -17.12 11.82
CA PRO B 396 25.35 -17.50 10.88
C PRO B 396 25.03 -17.23 9.40
N GLN B 397 26.06 -17.26 8.55
CA GLN B 397 25.90 -17.08 7.11
CA GLN B 397 25.85 -17.05 7.10
C GLN B 397 25.05 -18.19 6.47
N ILE B 398 25.13 -19.40 7.03
CA ILE B 398 24.39 -20.51 6.40
C ILE B 398 22.92 -20.50 6.80
N MET B 399 22.50 -19.49 7.58
CA MET B 399 21.09 -19.23 7.82
C MET B 399 20.66 -18.05 7.02
N SER B 400 21.64 -17.26 6.58
CA SER B 400 21.40 -15.86 6.33
C SER B 400 22.13 -15.44 5.06
N PRO B 401 21.51 -15.67 3.91
CA PRO B 401 22.38 -15.64 2.73
C PRO B 401 22.30 -14.30 2.05
N LEU B 402 21.49 -13.39 2.53
CA LEU B 402 21.59 -12.04 2.02
C LEU B 402 22.28 -11.13 3.06
N ALA B 403 22.45 -11.65 4.26
CA ALA B 403 23.08 -10.92 5.34
C ALA B 403 24.60 -10.81 5.18
N LYS B 404 25.13 -9.59 5.18
CA LYS B 404 26.59 -9.39 5.03
C LYS B 404 27.41 -9.99 6.14
N TYR B 405 28.55 -10.55 5.77
CA TYR B 405 29.43 -11.21 6.71
C TYR B 405 29.89 -10.25 7.80
N HIS B 406 29.50 -10.52 9.03
CA HIS B 406 29.94 -9.82 10.18
C HIS B 406 31.43 -9.48 10.09
N ARG B 407 31.79 -8.30 10.57
CA ARG B 407 33.07 -7.66 10.21
C ARG B 407 34.26 -8.06 11.07
N THR B 408 34.03 -8.59 12.27
CA THR B 408 35.11 -9.05 13.13
C THR B 408 34.99 -10.50 13.43
N LYS B 409 33.75 -10.99 13.50
CA LYS B 409 33.45 -12.39 13.80
C LYS B 409 33.26 -13.23 12.53
N PRO B 410 34.15 -14.24 12.36
CA PRO B 410 34.07 -15.10 11.18
C PRO B 410 32.94 -16.10 11.34
N GLY B 411 32.30 -16.40 10.23
CA GLY B 411 31.21 -17.31 10.24
C GLY B 411 29.87 -16.75 10.43
N LEU B 412 29.78 -15.74 11.30
CA LEU B 412 28.52 -14.95 11.51
C LEU B 412 28.32 -13.89 10.49
N THR B 413 27.06 -13.42 10.45
CA THR B 413 26.56 -12.17 9.78
C THR B 413 26.16 -11.11 10.76
N GLU B 414 25.82 -9.92 10.22
CA GLU B 414 25.47 -8.68 11.01
C GLU B 414 23.97 -8.46 10.97
N ARG B 415 23.24 -9.42 11.54
CA ARG B 415 21.81 -9.46 11.39
C ARG B 415 21.14 -9.30 12.72
N LEU B 416 19.90 -8.81 12.74
CA LEU B 416 19.12 -8.79 13.97
C LEU B 416 17.70 -9.22 13.78
N GLU B 417 17.09 -9.72 14.86
CA GLU B 417 15.67 -10.06 14.87
C GLU B 417 15.00 -9.76 16.19
N MET B 418 13.99 -8.86 16.16
CA MET B 418 13.36 -8.39 17.40
C MET B 418 12.21 -9.36 17.68
N PHE B 419 12.12 -9.81 18.92
CA PHE B 419 11.10 -10.75 19.32
C PHE B 419 10.26 -10.18 20.42
N ILE B 420 8.95 -10.31 20.25
CA ILE B 420 8.00 -9.97 21.29
C ILE B 420 7.34 -11.28 21.73
N CYS B 421 7.36 -11.55 23.04
CA CYS B 421 6.62 -12.67 23.59
C CYS B 421 6.79 -13.87 22.68
N GLY B 422 8.02 -14.32 22.53
CA GLY B 422 8.30 -15.47 21.70
C GLY B 422 8.25 -15.30 20.19
N LYS B 423 7.55 -14.28 19.67
CA LYS B 423 7.32 -14.20 18.23
C LYS B 423 8.15 -13.13 17.51
N GLU B 424 8.58 -13.47 16.31
CA GLU B 424 9.44 -12.64 15.48
C GLU B 424 8.61 -11.51 14.87
N VAL B 425 9.10 -10.28 14.90
CA VAL B 425 8.36 -9.16 14.27
C VAL B 425 9.21 -8.17 13.49
N LEU B 426 10.51 -8.30 13.63
CA LEU B 426 11.42 -7.53 12.83
C LEU B 426 12.53 -8.49 12.40
N ASN B 427 13.02 -8.28 11.18
CA ASN B 427 14.20 -8.96 10.73
C ASN B 427 14.97 -8.02 9.85
N ALA B 428 16.25 -7.87 10.14
CA ALA B 428 17.04 -6.87 9.42
C ALA B 428 18.51 -7.14 9.50
N TYR B 429 19.24 -6.63 8.52
CA TYR B 429 20.70 -6.76 8.53
C TYR B 429 21.41 -5.69 7.69
N THR B 430 22.69 -5.54 7.98
CA THR B 430 23.65 -5.01 7.06
C THR B 430 23.52 -5.88 5.78
N GLU B 431 23.19 -5.26 4.64
CA GLU B 431 22.90 -6.07 3.42
C GLU B 431 24.20 -6.52 2.86
N LEU B 432 24.17 -7.53 2.03
CA LEU B 432 25.38 -8.02 1.38
C LEU B 432 25.36 -7.33 0.06
N ASN B 433 26.46 -6.71 -0.32
CA ASN B 433 26.52 -5.92 -1.55
C ASN B 433 27.57 -6.38 -2.54
N ASP B 434 28.37 -7.41 -2.14
CA ASP B 434 29.50 -7.92 -2.94
C ASP B 434 29.12 -9.13 -3.79
N PRO B 435 28.85 -8.93 -5.07
CA PRO B 435 28.31 -10.00 -5.89
C PRO B 435 29.10 -11.33 -5.83
N PHE B 436 30.43 -11.23 -5.77
CA PHE B 436 31.24 -12.41 -5.68
C PHE B 436 30.85 -13.25 -4.45
N LYS B 437 30.59 -12.64 -3.30
CA LYS B 437 30.23 -13.43 -2.11
C LYS B 437 28.84 -14.04 -2.10
N GLN B 438 28.02 -13.72 -3.09
CA GLN B 438 26.67 -14.26 -3.16
C GLN B 438 26.65 -15.65 -3.77
N LYS B 439 26.33 -16.64 -2.94
CA LYS B 439 26.23 -18.05 -3.32
C LYS B 439 24.79 -18.37 -3.70
N LEU B 459 18.38 -17.31 -7.16
CA LEU B 459 18.05 -15.87 -7.10
C LEU B 459 17.92 -15.31 -8.51
N ASP B 460 17.32 -14.12 -8.64
CA ASP B 460 17.06 -13.55 -9.98
C ASP B 460 18.36 -13.22 -10.73
N SER B 461 18.42 -13.65 -11.99
CA SER B 461 19.44 -13.17 -12.90
C SER B 461 19.44 -11.63 -12.87
N ALA B 462 18.26 -11.01 -12.80
CA ALA B 462 18.13 -9.54 -12.76
C ALA B 462 18.76 -8.89 -11.54
N PHE B 463 18.41 -9.42 -10.37
CA PHE B 463 18.91 -8.89 -9.10
C PHE B 463 20.40 -9.09 -9.03
N CYS B 464 20.86 -10.31 -9.22
CA CYS B 464 22.29 -10.52 -9.23
C CYS B 464 22.99 -9.43 -10.05
N THR B 465 22.51 -9.21 -11.27
CA THR B 465 23.19 -8.33 -12.19
C THR B 465 23.34 -6.93 -11.61
N SER B 466 22.22 -6.39 -11.13
CA SER B 466 22.22 -5.14 -10.42
C SER B 466 23.38 -5.09 -9.43
N LEU B 467 23.46 -6.01 -8.49
CA LEU B 467 24.60 -6.06 -7.57
C LEU B 467 25.98 -5.88 -8.19
N GLU B 468 26.10 -6.23 -9.47
CA GLU B 468 27.32 -6.03 -10.22
C GLU B 468 27.48 -4.60 -10.72
N TYR B 469 26.36 -3.89 -10.87
CA TYR B 469 26.37 -2.42 -11.11
C TYR B 469 26.75 -1.58 -9.90
N GLY B 470 26.57 -2.17 -8.74
CA GLY B 470 27.34 -1.76 -7.59
C GLY B 470 26.41 -1.27 -6.55
N LEU B 471 26.20 -2.11 -5.52
CA LEU B 471 25.30 -1.74 -4.46
C LEU B 471 26.12 -1.17 -3.32
N PRO B 472 25.79 0.03 -2.83
CA PRO B 472 26.56 0.62 -1.74
C PRO B 472 26.26 -0.08 -0.46
N PRO B 473 27.01 0.24 0.59
CA PRO B 473 26.75 -0.34 1.86
C PRO B 473 25.38 0.06 2.20
N THR B 474 24.56 -0.87 2.65
CA THR B 474 23.20 -0.56 2.95
C THR B 474 22.76 -1.47 4.09
N GLY B 475 21.89 -0.90 4.91
CA GLY B 475 21.16 -1.62 5.92
C GLY B 475 19.70 -1.60 5.54
N GLY B 476 18.92 -2.59 5.99
CA GLY B 476 17.55 -2.83 5.47
C GLY B 476 16.76 -3.71 6.43
N LEU B 477 15.45 -3.57 6.45
CA LEU B 477 14.70 -4.00 7.61
C LEU B 477 13.31 -4.35 7.23
N GLY B 478 12.75 -5.29 7.95
CA GLY B 478 11.47 -5.89 7.63
C GLY B 478 10.63 -5.99 8.87
N LEU B 479 9.35 -5.62 8.75
CA LEU B 479 8.43 -5.67 9.87
C LEU B 479 7.17 -6.44 9.55
N GLY B 480 6.73 -7.22 10.52
CA GLY B 480 5.47 -7.90 10.43
C GLY B 480 4.34 -7.06 10.97
N ILE B 481 3.77 -6.26 10.09
CA ILE B 481 2.64 -5.37 10.50
C ILE B 481 1.58 -6.04 11.39
N ASP B 482 1.22 -7.30 11.09
CA ASP B 482 0.08 -7.94 11.74
C ASP B 482 0.51 -8.43 13.14
N ARG B 483 1.75 -8.83 13.29
CA ARG B 483 2.12 -9.30 14.60
C ARG B 483 2.32 -8.13 15.50
N ILE B 484 2.84 -7.07 14.94
CA ILE B 484 3.01 -5.85 15.69
C ILE B 484 1.63 -5.38 16.15
N THR B 485 0.70 -5.30 15.21
CA THR B 485 -0.67 -4.97 15.56
C THR B 485 -1.27 -5.83 16.63
N MET B 486 -1.08 -7.15 16.47
CA MET B 486 -1.52 -8.19 17.43
C MET B 486 -1.15 -7.89 18.85
N PHE B 487 0.12 -7.55 19.07
CA PHE B 487 0.58 -7.25 20.43
C PHE B 487 0.03 -5.94 20.94
N LEU B 488 -0.05 -4.95 20.07
CA LEU B 488 -0.51 -3.62 20.49
C LEU B 488 -2.03 -3.59 20.69
N THR B 489 -2.75 -4.60 20.20
CA THR B 489 -4.22 -4.69 20.36
C THR B 489 -4.68 -5.91 21.18
N ASN B 490 -3.76 -6.41 22.01
CA ASN B 490 -4.02 -7.50 22.90
C ASN B 490 -4.79 -8.67 22.28
N LYS B 491 -4.35 -9.16 21.13
CA LYS B 491 -5.02 -10.29 20.47
C LYS B 491 -4.05 -11.48 20.35
N ASN B 492 -4.61 -12.66 20.66
CA ASN B 492 -3.89 -13.91 20.60
C ASN B 492 -3.82 -14.42 19.22
N SER B 493 -4.75 -13.99 18.37
CA SER B 493 -4.76 -14.47 17.01
C SER B 493 -4.51 -13.38 16.04
N ILE B 494 -3.70 -13.68 15.05
CA ILE B 494 -3.50 -12.82 13.88
C ILE B 494 -4.80 -12.70 13.07
N LYS B 495 -5.69 -13.67 13.20
CA LYS B 495 -6.97 -13.58 12.51
C LYS B 495 -7.74 -12.34 13.01
N ASP B 496 -7.57 -11.96 14.29
CA ASP B 496 -8.30 -10.85 14.89
C ASP B 496 -7.91 -9.52 14.30
N VAL B 497 -6.66 -9.34 13.87
CA VAL B 497 -6.23 -8.02 13.35
C VAL B 497 -6.15 -7.94 11.85
N ILE B 498 -6.70 -8.93 11.17
CA ILE B 498 -6.94 -8.82 9.76
C ILE B 498 -8.44 -8.78 9.53
N LEU B 499 -8.85 -7.92 8.62
CA LEU B 499 -10.27 -7.61 8.49
C LEU B 499 -11.14 -8.74 7.95
N PHE B 500 -10.69 -9.32 6.85
CA PHE B 500 -11.32 -10.49 6.28
C PHE B 500 -10.26 -11.55 6.06
N PRO B 501 -9.90 -12.31 7.11
CA PRO B 501 -8.91 -13.39 6.94
C PRO B 501 -9.42 -14.47 6.00
N THR B 502 -8.53 -15.24 5.39
CA THR B 502 -8.93 -16.30 4.45
C THR B 502 -9.40 -17.55 5.16
N MET B 503 -10.68 -17.81 5.11
CA MET B 503 -11.28 -18.92 5.85
C MET B 503 -11.57 -20.11 4.92
N ARG B 504 -11.78 -21.28 5.49
CA ARG B 504 -12.41 -22.37 4.73
C ARG B 504 -13.91 -21.96 4.57
N PRO B 505 -14.58 -22.36 3.46
CA PRO B 505 -16.06 -22.29 3.53
C PRO B 505 -16.64 -23.45 4.31
N LYS C . -14.94 -1.29 -8.82
CA LYS C . -15.00 -0.13 -9.70
C LYS C . -14.08 -0.31 -10.90
O LYS C . -13.12 -1.09 -10.89
CB LYS C . -14.58 1.10 -8.93
CG LYS C . -15.57 1.58 -7.88
CD LYS C . -16.76 2.27 -8.54
CE LYS C . -17.83 2.68 -7.55
NZ LYS C . -18.32 1.57 -6.67
OXT LYS C . -14.30 0.36 -11.92
C8 9CX D . -6.29 1.01 -15.68
C5 9CX D . -7.63 -1.03 -16.12
C6 9CX D . -8.79 -0.41 -15.66
C2 9CX D . -5.51 -2.53 -17.09
C4 9CX D . -7.80 -2.34 -16.55
C15 9CX D . -10.05 3.71 -13.64
C14 9CX D . -11.33 3.41 -13.12
C13 9CX D . -11.07 2.62 -11.85
C12 9CX D . -10.45 1.26 -12.11
C16 9CX D . -10.12 0.69 -10.74
O5 9CX D . -9.24 1.37 -12.87
C11 9CX D . -9.30 2.35 -13.98
C10 9CX D . -9.88 1.78 -15.30
C7 9CX D . -8.76 1.06 -16.04
O3 9CX D . -7.50 1.69 -15.67
O4 9CX D . -5.26 1.65 -15.33
C9 9CX D . -6.35 -0.40 -16.14
C3 9CX D . -6.76 -3.09 -17.04
O2 9CX D . -7.02 -4.34 -17.45
C1 9CX D . -5.30 -1.23 -16.65
O1 9CX D . -4.02 -0.78 -16.76
N LYS E . 13.07 -10.10 3.31
CA LYS E . 13.21 -10.09 4.76
C LYS E . 12.20 -11.01 5.42
O LYS E . 12.43 -11.45 6.55
CB LYS E . 13.02 -8.63 5.32
CG LYS E . 14.14 -7.65 5.01
CD LYS E . 15.35 -7.95 5.88
CE LYS E . 16.54 -7.08 5.54
NZ LYS E . 16.93 -7.09 4.10
OXT LYS E . 11.11 -11.27 4.88
C8 9CX F . 3.88 -13.26 9.55
C5 9CX F . 5.15 -14.56 8.07
C6 9CX F . 6.18 -13.67 8.37
C2 9CX F . 3.04 -16.25 7.58
C4 9CX F . 5.32 -15.68 7.21
C15 9CX F . 8.55 -10.55 10.84
C14 9CX F . 9.79 -10.86 10.19
C13 9CX F . 9.76 -10.00 8.95
C12 9CX F . 8.60 -10.33 8.05
C16 9CX F . 8.32 -9.12 7.14
O5 9CX F . 7.40 -10.52 8.74
C11 9CX F . 7.43 -11.17 10.01
C10 9CX F . 7.59 -12.73 10.04
C7 9CX F . 6.30 -13.57 9.87
O3 9CX F . 4.93 -13.29 10.48
O4 9CX F . 2.98 -12.40 9.45
C9 9CX F . 3.95 -14.32 8.69
C3 9CX F . 4.25 -16.54 6.95
O2 9CX F . 4.35 -17.60 6.07
C1 9CX F . 2.90 -15.16 8.42
O1 9CX F . 1.76 -14.89 9.07
CL CL G . 30.13 -3.73 15.49
#